data_2H3W
#
_entry.id   2H3W
#
_cell.length_a   164.060
_cell.length_b   89.070
_cell.length_c   122.780
_cell.angle_alpha   90.00
_cell.angle_beta   128.97
_cell.angle_gamma   90.00
#
_symmetry.space_group_name_H-M   'C 1 2 1'
#
loop_
_entity.id
_entity.type
_entity.pdbx_description
1 polymer 'carnitine acetyltransferase'
2 non-polymer 'COENZYME A'
3 non-polymer (R)-3-CARBOXY-2-(HEXANOYLOXY)-N,N,N-TRIMETHYLPROPAN-1-AMINIUM
4 water water
#
_entity_poly.entity_id   1
_entity_poly.type   'polypeptide(L)'
_entity_poly.pdbx_seq_one_letter_code
;SHMAHQDALPRLPVPPLQQSLDYYLKALQPIVSEEEWAHTKQLVDEFQTSGGVGERLQKGLERRAKKMENWLSEWWLKTA
YLQFRQPVVIYSSPGVILPKQDFVDLQGQLRFAAKLIEGVLDFKSMIDNETLPVEFLGGQPLCMNQYYQILSSCRVPGPK
QDSVVNFLKSKRPPTHITVVHNYQFFELDVYHSDGTPLTSDQIFVQLEKIWNSSLQSNKEPVGILTSNHRNTWAKAYNNL
IKDKVNRESVNSIQKSIFTVCLDKQVPRVSDDVYRNHVAGQMLHGGGSKFNSGNRWFDKTLQFIVAEDGSCGMVYEHAAA
EGPPIVALVDHVMEYTKKPELVRSPMVPLPMPKKLRFNITPEIKNDIEKAKQNLSIMIQDLDIMMLTFHHFGKDFPKSEK
LSPDAFIQVALQLAYYRIYGQACATYESASLRMFHLGRTDTIRSASIDSLAFVKGMGDSTVPEQQKVELLRKAVQAHRAY
TDRAIRGEAFDRHLLGLKLQAIEDLVSMPDIFMDTSYAIAMHFNLSTAQVPAKTDCVGFFGPVVPDGYGICYNPMEAHIN
FSVSAYNSCAETNAARMAHYLEKALLDMRTLLQNHPRAK
;
_entity_poly.pdbx_strand_id   A,B
#
loop_
_chem_comp.id
_chem_comp.type
_chem_comp.name
_chem_comp.formula
COA non-polymer 'COENZYME A' 'C21 H36 N7 O16 P3 S'
HC5 non-polymer (R)-3-CARBOXY-2-(HEXANOYLOXY)-N,N,N-TRIMETHYLPROPAN-1-AMINIUM 'C13 H26 N O4 1'
#
# COMPACT_ATOMS: atom_id res chain seq x y z
N SER A 1 -17.78 -18.93 36.69
CA SER A 1 -18.50 -19.96 35.88
C SER A 1 -19.99 -19.91 36.19
N HIS A 2 -20.61 -21.08 36.26
CA HIS A 2 -22.03 -21.19 36.58
C HIS A 2 -22.16 -20.63 37.99
N MET A 3 -22.51 -19.36 38.11
CA MET A 3 -22.64 -18.69 39.41
C MET A 3 -23.23 -19.50 40.57
N ALA A 4 -24.10 -20.46 40.28
CA ALA A 4 -24.69 -21.25 41.36
C ALA A 4 -23.58 -22.04 42.03
N HIS A 5 -22.86 -22.79 41.21
CA HIS A 5 -21.73 -23.62 41.66
C HIS A 5 -20.69 -22.79 42.42
N GLN A 6 -20.28 -21.68 41.81
CA GLN A 6 -19.27 -20.81 42.41
C GLN A 6 -19.66 -20.27 43.79
N ASP A 7 -20.93 -19.89 43.95
CA ASP A 7 -21.39 -19.34 45.22
C ASP A 7 -21.35 -20.35 46.37
N ALA A 8 -21.48 -21.62 46.04
CA ALA A 8 -21.45 -22.65 47.07
C ALA A 8 -20.02 -23.03 47.45
N LEU A 9 -19.04 -22.44 46.77
CA LEU A 9 -17.65 -22.74 47.05
C LEU A 9 -17.11 -21.89 48.19
N PRO A 10 -16.25 -22.47 49.05
CA PRO A 10 -15.67 -21.72 50.17
C PRO A 10 -14.68 -20.67 49.67
N ARG A 11 -14.58 -19.56 50.38
CA ARG A 11 -13.68 -18.46 50.02
C ARG A 11 -12.26 -18.75 50.49
N LEU A 12 -11.27 -18.26 49.73
CA LEU A 12 -9.87 -18.49 50.06
C LEU A 12 -9.63 -18.01 51.49
N PRO A 13 -9.18 -18.93 52.36
CA PRO A 13 -8.94 -18.57 53.75
C PRO A 13 -7.59 -17.89 53.97
N VAL A 14 -7.43 -17.33 55.16
CA VAL A 14 -6.18 -16.70 55.54
C VAL A 14 -5.67 -17.55 56.68
N PRO A 15 -4.60 -18.32 56.44
CA PRO A 15 -4.03 -19.19 57.46
C PRO A 15 -3.63 -18.40 58.71
N PRO A 16 -3.60 -19.05 59.88
CA PRO A 16 -3.24 -18.40 61.13
C PRO A 16 -1.79 -17.92 60.98
N LEU A 17 -1.50 -16.73 61.50
CA LEU A 17 -0.15 -16.17 61.43
C LEU A 17 0.92 -17.04 62.06
N GLN A 18 0.70 -17.46 63.31
CA GLN A 18 1.70 -18.27 64.00
C GLN A 18 1.88 -19.64 63.37
N GLN A 19 0.84 -20.16 62.74
CA GLN A 19 0.93 -21.45 62.09
C GLN A 19 1.84 -21.37 60.87
N SER A 20 1.59 -20.41 59.99
CA SER A 20 2.38 -20.24 58.77
C SER A 20 3.84 -19.94 59.04
N LEU A 21 4.10 -19.17 60.09
CA LEU A 21 5.46 -18.81 60.45
C LEU A 21 6.22 -20.05 60.95
N ASP A 22 5.50 -20.94 61.62
CA ASP A 22 6.09 -22.17 62.12
C ASP A 22 6.46 -23.05 60.92
N TYR A 23 5.54 -23.18 59.97
CA TYR A 23 5.82 -23.99 58.78
C TYR A 23 6.96 -23.40 57.99
N TYR A 24 7.03 -22.08 57.98
CA TYR A 24 8.08 -21.37 57.27
C TYR A 24 9.46 -21.71 57.85
N LEU A 25 9.56 -21.66 59.17
CA LEU A 25 10.81 -21.98 59.85
C LEU A 25 11.25 -23.42 59.59
N LYS A 26 10.28 -24.32 59.48
CA LYS A 26 10.60 -25.73 59.23
C LYS A 26 11.12 -25.92 57.81
N ALA A 27 10.49 -25.24 56.85
CA ALA A 27 10.88 -25.35 55.45
C ALA A 27 12.22 -24.68 55.17
N LEU A 28 12.65 -23.80 56.07
CA LEU A 28 13.93 -23.11 55.91
C LEU A 28 15.11 -23.94 56.43
N GLN A 29 14.89 -24.73 57.47
CA GLN A 29 15.97 -25.50 58.07
C GLN A 29 16.88 -26.23 57.07
N PRO A 30 16.30 -26.89 56.07
CA PRO A 30 17.10 -27.61 55.08
C PRO A 30 17.77 -26.77 53.99
N ILE A 31 17.41 -25.49 53.88
CA ILE A 31 18.01 -24.65 52.84
C ILE A 31 18.79 -23.44 53.32
N VAL A 32 18.89 -23.23 54.63
CA VAL A 32 19.67 -22.11 55.17
C VAL A 32 20.65 -22.60 56.23
N SER A 33 21.63 -21.77 56.56
CA SER A 33 22.62 -22.13 57.57
C SER A 33 22.02 -21.99 58.96
N GLU A 34 22.71 -22.58 59.94
CA GLU A 34 22.23 -22.51 61.31
C GLU A 34 22.22 -21.07 61.80
N GLU A 35 23.23 -20.29 61.41
CA GLU A 35 23.31 -18.89 61.82
C GLU A 35 22.16 -18.08 61.25
N GLU A 36 21.87 -18.31 59.97
CA GLU A 36 20.78 -17.61 59.29
C GLU A 36 19.45 -18.03 59.86
N TRP A 37 19.28 -19.32 60.13
CA TRP A 37 18.03 -19.82 60.69
C TRP A 37 17.79 -19.24 62.07
N ALA A 38 18.85 -19.17 62.87
CA ALA A 38 18.76 -18.64 64.23
C ALA A 38 18.29 -17.19 64.20
N HIS A 39 18.82 -16.41 63.26
CA HIS A 39 18.44 -15.01 63.10
C HIS A 39 16.98 -14.90 62.66
N THR A 40 16.58 -15.72 61.68
CA THR A 40 15.22 -15.69 61.19
C THR A 40 14.27 -16.02 62.33
N LYS A 41 14.64 -17.03 63.11
CA LYS A 41 13.85 -17.47 64.26
C LYS A 41 13.55 -16.29 65.18
N GLN A 42 14.53 -15.41 65.35
CA GLN A 42 14.37 -14.24 66.20
C GLN A 42 13.44 -13.23 65.53
N LEU A 43 13.59 -13.06 64.23
CA LEU A 43 12.74 -12.12 63.50
C LEU A 43 11.29 -12.58 63.55
N VAL A 44 11.09 -13.90 63.46
CA VAL A 44 9.76 -14.46 63.51
C VAL A 44 9.07 -14.19 64.85
N ASP A 45 9.77 -14.46 65.95
CA ASP A 45 9.19 -14.25 67.28
C ASP A 45 8.75 -12.80 67.45
N GLU A 46 9.61 -11.86 67.05
CA GLU A 46 9.30 -10.44 67.18
C GLU A 46 8.13 -10.08 66.28
N PHE A 47 8.21 -10.55 65.04
CA PHE A 47 7.18 -10.30 64.03
C PHE A 47 5.78 -10.70 64.48
N GLN A 48 5.68 -11.80 65.21
CA GLN A 48 4.36 -12.28 65.63
C GLN A 48 3.98 -11.97 67.08
N THR A 49 4.80 -11.18 67.77
CA THR A 49 4.52 -10.85 69.17
C THR A 49 3.20 -10.08 69.29
N SER A 50 2.55 -10.18 70.45
CA SER A 50 1.29 -9.47 70.66
C SER A 50 1.46 -7.98 70.46
N GLY A 51 0.59 -7.38 69.66
CA GLY A 51 0.66 -5.95 69.39
C GLY A 51 1.77 -5.59 68.43
N GLY A 52 2.35 -6.59 67.77
CA GLY A 52 3.43 -6.32 66.85
C GLY A 52 2.98 -6.02 65.43
N VAL A 53 3.95 -6.02 64.51
CA VAL A 53 3.71 -5.73 63.09
C VAL A 53 2.93 -6.85 62.40
N GLY A 54 3.38 -8.09 62.56
CA GLY A 54 2.73 -9.22 61.95
C GLY A 54 1.25 -9.32 62.29
N GLU A 55 0.93 -9.08 63.56
CA GLU A 55 -0.46 -9.15 64.00
C GLU A 55 -1.32 -8.13 63.25
N ARG A 56 -0.80 -6.91 63.07
CA ARG A 56 -1.55 -5.87 62.36
C ARG A 56 -1.71 -6.23 60.89
N LEU A 57 -0.65 -6.77 60.28
CA LEU A 57 -0.73 -7.15 58.88
C LEU A 57 -1.75 -8.28 58.73
N GLN A 58 -1.72 -9.23 59.65
CA GLN A 58 -2.64 -10.36 59.61
C GLN A 58 -4.08 -9.87 59.69
N LYS A 59 -4.33 -8.92 60.60
CA LYS A 59 -5.67 -8.34 60.75
C LYS A 59 -6.07 -7.72 59.42
N GLY A 60 -5.13 -7.07 58.75
CA GLY A 60 -5.41 -6.44 57.47
C GLY A 60 -5.84 -7.45 56.41
N LEU A 61 -5.16 -8.60 56.37
CA LEU A 61 -5.51 -9.65 55.41
C LEU A 61 -6.90 -10.20 55.69
N GLU A 62 -7.23 -10.39 56.96
CA GLU A 62 -8.55 -10.89 57.31
C GLU A 62 -9.63 -9.89 56.91
N ARG A 63 -9.33 -8.60 56.96
CA ARG A 63 -10.31 -7.59 56.55
C ARG A 63 -10.44 -7.63 55.03
N ARG A 64 -9.30 -7.84 54.37
CA ARG A 64 -9.27 -7.89 52.91
C ARG A 64 -10.13 -9.05 52.42
N ALA A 65 -10.09 -10.16 53.13
CA ALA A 65 -10.88 -11.33 52.78
C ALA A 65 -12.36 -11.09 52.95
N LYS A 66 -12.72 -10.15 53.83
CA LYS A 66 -14.12 -9.85 54.07
C LYS A 66 -14.70 -8.85 53.08
N LYS A 67 -13.84 -8.13 52.36
CA LYS A 67 -14.35 -7.17 51.40
C LYS A 67 -14.07 -7.54 49.94
N MET A 68 -13.61 -8.77 49.73
CA MET A 68 -13.30 -9.26 48.39
C MET A 68 -13.73 -10.72 48.26
N GLU A 69 -13.91 -11.18 47.02
CA GLU A 69 -14.29 -12.56 46.81
C GLU A 69 -13.09 -13.47 47.11
N ASN A 70 -11.89 -12.97 46.83
CA ASN A 70 -10.65 -13.71 47.05
C ASN A 70 -9.60 -12.66 47.37
N TRP A 71 -9.09 -12.69 48.60
CA TRP A 71 -8.13 -11.70 49.02
C TRP A 71 -6.82 -11.76 48.26
N LEU A 72 -6.56 -12.90 47.61
CA LEU A 72 -5.31 -13.08 46.90
C LEU A 72 -5.36 -12.85 45.39
N SER A 73 -6.52 -13.12 44.78
CA SER A 73 -6.72 -13.01 43.33
C SER A 73 -5.97 -11.93 42.59
N GLU A 74 -6.37 -10.68 42.81
CA GLU A 74 -5.73 -9.58 42.10
C GLU A 74 -4.26 -9.44 42.42
N TRP A 75 -3.88 -9.58 43.69
CA TRP A 75 -2.48 -9.46 44.06
C TRP A 75 -1.63 -10.46 43.27
N TRP A 76 -2.06 -11.72 43.27
CA TRP A 76 -1.31 -12.75 42.57
C TRP A 76 -1.16 -12.49 41.09
N LEU A 77 -2.30 -12.29 40.42
CA LEU A 77 -2.30 -12.04 39.00
C LEU A 77 -1.38 -10.88 38.64
N LYS A 78 -1.37 -9.86 39.48
CA LYS A 78 -0.56 -8.68 39.27
C LYS A 78 0.94 -8.91 39.47
N THR A 79 1.33 -9.42 40.63
CA THR A 79 2.75 -9.63 40.92
C THR A 79 3.35 -10.79 40.14
N ALA A 80 2.56 -11.81 39.88
CA ALA A 80 3.08 -12.96 39.16
C ALA A 80 3.10 -12.81 37.65
N TYR A 81 2.20 -12.01 37.08
CA TYR A 81 2.17 -11.88 35.62
C TYR A 81 2.09 -10.47 35.05
N LEU A 82 0.98 -9.78 35.34
CA LEU A 82 0.75 -8.44 34.80
C LEU A 82 1.88 -7.46 35.08
N GLN A 83 2.57 -7.63 36.21
CA GLN A 83 3.69 -6.74 36.54
C GLN A 83 5.03 -7.37 36.15
N PHE A 84 5.00 -8.65 35.77
CA PHE A 84 6.24 -9.32 35.36
C PHE A 84 6.55 -8.74 33.98
N ARG A 85 7.66 -8.01 33.89
CA ARG A 85 8.03 -7.34 32.65
C ARG A 85 8.90 -8.11 31.67
N GLN A 86 9.38 -9.27 32.07
CA GLN A 86 10.20 -10.05 31.17
C GLN A 86 9.30 -10.59 30.06
N PRO A 87 9.90 -10.97 28.93
CA PRO A 87 9.08 -11.51 27.83
C PRO A 87 8.19 -12.65 28.33
N VAL A 88 6.98 -12.79 27.78
CA VAL A 88 6.11 -13.88 28.19
C VAL A 88 6.66 -15.19 27.61
N VAL A 89 7.34 -15.09 26.49
CA VAL A 89 7.90 -16.27 25.84
C VAL A 89 8.97 -16.91 26.71
N ILE A 90 8.87 -18.22 26.89
CA ILE A 90 9.80 -18.99 27.70
C ILE A 90 9.73 -18.73 29.20
N TYR A 91 9.72 -17.46 29.59
CA TYR A 91 9.72 -17.12 31.00
C TYR A 91 8.35 -17.14 31.68
N SER A 92 7.27 -17.17 30.90
CA SER A 92 5.94 -17.16 31.48
C SER A 92 4.94 -18.10 30.81
N SER A 93 4.76 -17.94 29.50
CA SER A 93 3.84 -18.77 28.73
C SER A 93 4.27 -20.24 28.64
N PRO A 94 3.58 -21.13 29.36
CA PRO A 94 3.92 -22.55 29.33
C PRO A 94 3.67 -23.16 27.96
N GLY A 95 4.49 -24.14 27.59
CA GLY A 95 4.33 -24.81 26.31
C GLY A 95 3.87 -26.24 26.55
N VAL A 96 3.19 -26.82 25.58
CA VAL A 96 2.69 -28.18 25.72
C VAL A 96 2.98 -28.99 24.46
N ILE A 97 3.50 -30.20 24.63
CA ILE A 97 3.81 -31.08 23.51
C ILE A 97 2.76 -32.18 23.49
N LEU A 98 1.97 -32.24 22.42
CA LEU A 98 0.93 -33.25 22.32
C LEU A 98 1.44 -34.44 21.50
N PRO A 99 0.71 -35.57 21.53
CA PRO A 99 1.13 -36.75 20.76
C PRO A 99 1.22 -36.41 19.28
N LYS A 100 2.32 -36.79 18.65
CA LYS A 100 2.50 -36.53 17.22
C LYS A 100 1.38 -37.20 16.42
N GLN A 101 0.84 -36.49 15.44
CA GLN A 101 -0.23 -37.03 14.60
C GLN A 101 0.34 -37.79 13.42
N ASP A 102 -0.49 -38.57 12.74
CA ASP A 102 -0.02 -39.37 11.62
C ASP A 102 -0.19 -38.81 10.21
N PHE A 103 -0.68 -37.58 10.07
CA PHE A 103 -0.83 -37.02 8.73
C PHE A 103 0.52 -36.88 8.06
N VAL A 104 0.56 -37.15 6.75
CA VAL A 104 1.79 -37.09 5.97
C VAL A 104 1.79 -36.08 4.82
N ASP A 105 0.69 -35.36 4.65
CA ASP A 105 0.59 -34.36 3.60
C ASP A 105 -0.21 -33.16 4.06
N LEU A 106 -0.19 -32.10 3.26
CA LEU A 106 -0.93 -30.87 3.56
C LEU A 106 -2.38 -31.11 3.92
N GLN A 107 -3.08 -31.90 3.10
CA GLN A 107 -4.48 -32.18 3.35
C GLN A 107 -4.64 -32.83 4.73
N GLY A 108 -3.70 -33.68 5.09
CA GLY A 108 -3.76 -34.33 6.39
C GLY A 108 -3.56 -33.33 7.50
N GLN A 109 -2.57 -32.46 7.34
CA GLN A 109 -2.27 -31.44 8.34
C GLN A 109 -3.50 -30.57 8.55
N LEU A 110 -4.03 -30.03 7.46
CA LEU A 110 -5.21 -29.18 7.53
C LEU A 110 -6.41 -29.97 8.01
N ARG A 111 -6.39 -31.28 7.77
CA ARG A 111 -7.49 -32.15 8.19
C ARG A 111 -7.51 -32.22 9.72
N PHE A 112 -6.34 -32.43 10.31
CA PHE A 112 -6.24 -32.50 11.76
C PHE A 112 -6.57 -31.13 12.37
N ALA A 113 -6.03 -30.07 11.78
CA ALA A 113 -6.28 -28.72 12.28
C ALA A 113 -7.78 -28.45 12.33
N ALA A 114 -8.50 -28.84 11.28
CA ALA A 114 -9.95 -28.65 11.23
C ALA A 114 -10.64 -29.43 12.35
N LYS A 115 -10.20 -30.66 12.55
CA LYS A 115 -10.75 -31.52 13.59
C LYS A 115 -10.48 -30.90 14.96
N LEU A 116 -9.27 -30.38 15.13
CA LEU A 116 -8.88 -29.76 16.39
C LEU A 116 -9.75 -28.54 16.68
N ILE A 117 -9.94 -27.69 15.68
CA ILE A 117 -10.77 -26.50 15.82
C ILE A 117 -12.19 -26.90 16.23
N GLU A 118 -12.72 -27.92 15.56
CA GLU A 118 -14.07 -28.38 15.85
C GLU A 118 -14.13 -28.89 17.28
N GLY A 119 -13.07 -29.58 17.72
CA GLY A 119 -13.03 -30.09 19.08
C GLY A 119 -13.02 -28.96 20.09
N VAL A 120 -12.31 -27.89 19.78
CA VAL A 120 -12.26 -26.76 20.69
C VAL A 120 -13.65 -26.12 20.74
N LEU A 121 -14.26 -25.94 19.58
CA LEU A 121 -15.59 -25.35 19.54
C LEU A 121 -16.59 -26.22 20.30
N ASP A 122 -16.36 -27.53 20.29
CA ASP A 122 -17.24 -28.45 21.00
C ASP A 122 -17.11 -28.25 22.51
N PHE A 123 -15.87 -28.05 22.95
CA PHE A 123 -15.60 -27.84 24.36
C PHE A 123 -16.18 -26.49 24.74
N LYS A 124 -16.07 -25.53 23.83
CA LYS A 124 -16.60 -24.20 24.06
C LYS A 124 -18.12 -24.22 24.28
N SER A 125 -18.80 -25.15 23.62
CA SER A 125 -20.25 -25.26 23.75
C SER A 125 -20.62 -25.46 25.21
N MET A 126 -19.86 -26.30 25.90
CA MET A 126 -20.12 -26.57 27.31
C MET A 126 -19.88 -25.32 28.15
N ILE A 127 -18.89 -24.52 27.76
CA ILE A 127 -18.59 -23.28 28.48
C ILE A 127 -19.70 -22.24 28.30
N ASP A 128 -20.11 -22.02 27.07
CA ASP A 128 -21.17 -21.05 26.81
C ASP A 128 -22.48 -21.44 27.48
N ASN A 129 -22.76 -22.74 27.50
CA ASN A 129 -23.98 -23.24 28.11
C ASN A 129 -23.81 -23.57 29.58
N GLU A 130 -22.60 -23.34 30.10
CA GLU A 130 -22.33 -23.61 31.50
C GLU A 130 -22.68 -25.05 31.88
N THR A 131 -22.41 -25.97 30.98
CA THR A 131 -22.72 -27.38 31.24
C THR A 131 -21.46 -28.18 31.54
N LEU A 132 -20.31 -27.50 31.58
CA LEU A 132 -19.05 -28.14 31.87
C LEU A 132 -19.12 -28.89 33.20
N PRO A 133 -18.82 -30.19 33.18
CA PRO A 133 -18.85 -31.03 34.39
C PRO A 133 -18.04 -30.46 35.55
N VAL A 134 -18.54 -30.66 36.76
CA VAL A 134 -17.87 -30.20 37.96
C VAL A 134 -16.72 -31.14 38.28
N GLU A 135 -15.58 -30.58 38.67
CA GLU A 135 -14.43 -31.40 38.99
C GLU A 135 -14.16 -31.42 40.50
N PHE A 136 -13.40 -32.41 40.93
CA PHE A 136 -13.06 -32.56 42.35
C PHE A 136 -11.56 -32.78 42.58
N LEU A 137 -11.10 -32.39 43.76
CA LEU A 137 -9.70 -32.55 44.14
C LEU A 137 -9.70 -32.70 45.65
N GLY A 138 -9.31 -33.88 46.12
CA GLY A 138 -9.31 -34.13 47.54
C GLY A 138 -10.73 -34.34 48.03
N GLY A 139 -11.63 -34.61 47.09
CA GLY A 139 -13.02 -34.84 47.42
C GLY A 139 -13.82 -33.56 47.56
N GLN A 140 -13.26 -32.45 47.10
CA GLN A 140 -13.92 -31.16 47.21
C GLN A 140 -14.23 -30.54 45.84
N PRO A 141 -15.40 -29.88 45.71
CA PRO A 141 -15.78 -29.25 44.44
C PRO A 141 -14.72 -28.22 44.06
N LEU A 142 -14.51 -28.04 42.76
CA LEU A 142 -13.50 -27.10 42.29
C LEU A 142 -14.05 -25.90 41.54
N CYS A 143 -13.31 -24.80 41.62
CA CYS A 143 -13.67 -23.56 40.93
C CYS A 143 -13.55 -23.79 39.44
N MET A 144 -14.52 -23.27 38.68
CA MET A 144 -14.51 -23.41 37.23
C MET A 144 -14.28 -22.07 36.55
N ASN A 145 -13.94 -21.06 37.33
CA ASN A 145 -13.72 -19.73 36.79
C ASN A 145 -12.70 -19.65 35.66
N GLN A 146 -11.60 -20.38 35.81
CA GLN A 146 -10.54 -20.38 34.82
C GLN A 146 -11.01 -20.72 33.41
N TYR A 147 -11.98 -21.63 33.30
CA TYR A 147 -12.51 -22.01 31.99
C TYR A 147 -13.15 -20.86 31.24
N TYR A 148 -13.55 -19.81 31.96
CA TYR A 148 -14.18 -18.67 31.32
C TYR A 148 -13.17 -17.54 31.15
N GLN A 149 -11.89 -17.89 31.08
CA GLN A 149 -10.84 -16.91 30.93
C GLN A 149 -9.90 -17.28 29.78
N ILE A 150 -9.95 -18.53 29.35
CA ILE A 150 -9.07 -19.02 28.29
C ILE A 150 -9.46 -18.72 26.85
N LEU A 151 -10.76 -18.75 26.55
CA LEU A 151 -11.24 -18.48 25.20
C LEU A 151 -11.63 -17.02 24.96
N SER A 152 -11.49 -16.59 23.71
CA SER A 152 -11.83 -15.23 23.32
C SER A 152 -11.18 -14.19 24.23
N SER A 153 -9.94 -14.44 24.63
CA SER A 153 -9.23 -13.52 25.49
C SER A 153 -7.84 -13.23 24.94
N CYS A 154 -7.19 -12.22 25.50
CA CYS A 154 -5.86 -11.87 25.04
C CYS A 154 -5.19 -10.91 26.00
N ARG A 155 -3.87 -11.01 26.09
CA ARG A 155 -3.11 -10.12 26.96
C ARG A 155 -2.85 -8.85 26.14
N VAL A 156 -2.75 -7.71 26.83
CA VAL A 156 -2.52 -6.43 26.16
C VAL A 156 -1.34 -5.70 26.79
N PRO A 157 -0.34 -5.34 25.97
CA PRO A 157 0.89 -4.63 26.38
C PRO A 157 0.54 -3.33 27.09
N GLY A 158 1.19 -3.08 28.23
CA GLY A 158 0.97 -1.86 28.97
C GLY A 158 2.31 -1.22 29.30
N PRO A 159 2.41 0.11 29.29
CA PRO A 159 3.66 0.81 29.59
C PRO A 159 4.24 0.49 30.96
N LYS A 160 3.37 0.35 31.95
CA LYS A 160 3.82 0.03 33.30
C LYS A 160 3.50 -1.42 33.62
N GLN A 161 2.25 -1.80 33.41
CA GLN A 161 1.83 -3.16 33.66
C GLN A 161 0.89 -3.58 32.55
N ASP A 162 0.75 -4.87 32.34
CA ASP A 162 -0.12 -5.38 31.28
C ASP A 162 -1.55 -5.54 31.75
N SER A 163 -2.45 -5.72 30.81
CA SER A 163 -3.85 -5.94 31.14
C SER A 163 -4.32 -7.14 30.33
N VAL A 164 -5.52 -7.60 30.65
CA VAL A 164 -6.12 -8.73 29.94
C VAL A 164 -7.54 -8.37 29.51
N VAL A 165 -7.87 -8.72 28.27
CA VAL A 165 -9.19 -8.46 27.72
C VAL A 165 -9.90 -9.79 27.49
N ASN A 166 -11.18 -9.85 27.86
CA ASN A 166 -11.97 -11.06 27.70
C ASN A 166 -13.30 -10.68 27.06
N PHE A 167 -13.58 -11.21 25.87
CA PHE A 167 -14.81 -10.92 25.15
C PHE A 167 -15.80 -12.07 25.12
N LEU A 168 -15.51 -13.11 25.91
CA LEU A 168 -16.37 -14.29 25.97
C LEU A 168 -17.80 -13.91 26.33
N LYS A 169 -17.96 -12.84 27.10
CA LYS A 169 -19.28 -12.39 27.51
C LYS A 169 -19.62 -10.97 27.05
N SER A 170 -19.02 -10.55 25.95
CA SER A 170 -19.30 -9.21 25.43
C SER A 170 -20.66 -9.21 24.73
N LYS A 171 -21.23 -8.03 24.50
CA LYS A 171 -22.53 -7.90 23.85
C LYS A 171 -22.69 -8.92 22.72
N ARG A 172 -21.77 -8.91 21.78
CA ARG A 172 -21.79 -9.85 20.66
C ARG A 172 -20.49 -10.64 20.63
N PRO A 173 -20.45 -11.76 21.38
CA PRO A 173 -19.28 -12.65 21.48
C PRO A 173 -18.66 -12.99 20.14
N PRO A 174 -17.31 -13.06 20.10
CA PRO A 174 -16.59 -13.38 18.86
C PRO A 174 -16.98 -14.76 18.34
N THR A 175 -17.13 -14.87 17.04
CA THR A 175 -17.50 -16.15 16.42
C THR A 175 -16.41 -16.53 15.43
N HIS A 176 -15.26 -15.90 15.55
CA HIS A 176 -14.15 -16.17 14.64
C HIS A 176 -12.87 -16.53 15.38
N ILE A 177 -11.99 -17.26 14.70
CA ILE A 177 -10.70 -17.61 15.28
C ILE A 177 -9.68 -16.96 14.35
N THR A 178 -8.41 -17.02 14.74
CA THR A 178 -7.36 -16.49 13.89
C THR A 178 -6.43 -17.63 13.48
N VAL A 179 -6.04 -17.63 12.21
CA VAL A 179 -5.14 -18.66 11.69
C VAL A 179 -3.88 -17.98 11.18
N VAL A 180 -2.73 -18.52 11.56
CA VAL A 180 -1.46 -17.94 11.14
C VAL A 180 -0.67 -18.91 10.28
N HIS A 181 -0.30 -18.49 9.08
CA HIS A 181 0.48 -19.30 8.16
C HIS A 181 1.53 -18.42 7.50
N ASN A 182 2.80 -18.79 7.65
CA ASN A 182 3.88 -18.00 7.09
C ASN A 182 3.85 -16.55 7.60
N TYR A 183 3.60 -16.39 8.90
CA TYR A 183 3.58 -15.08 9.54
C TYR A 183 2.34 -14.25 9.19
N GLN A 184 1.46 -14.78 8.36
CA GLN A 184 0.26 -14.05 7.95
C GLN A 184 -0.97 -14.48 8.74
N PHE A 185 -1.68 -13.50 9.29
CA PHE A 185 -2.88 -13.78 10.08
C PHE A 185 -4.16 -13.66 9.28
N PHE A 186 -5.10 -14.56 9.55
CA PHE A 186 -6.38 -14.54 8.86
C PHE A 186 -7.52 -14.62 9.87
N GLU A 187 -8.62 -13.94 9.56
CA GLU A 187 -9.80 -13.94 10.41
C GLU A 187 -10.75 -14.99 9.84
N LEU A 188 -10.99 -16.07 10.61
CA LEU A 188 -11.86 -17.15 10.16
C LEU A 188 -13.09 -17.38 11.02
N ASP A 189 -14.28 -17.16 10.44
CA ASP A 189 -15.53 -17.39 11.17
C ASP A 189 -15.79 -18.89 11.25
N VAL A 190 -16.02 -19.38 12.46
CA VAL A 190 -16.25 -20.81 12.66
C VAL A 190 -17.70 -21.09 13.02
N TYR A 191 -18.55 -20.08 12.87
CA TYR A 191 -19.98 -20.22 13.15
C TYR A 191 -20.80 -19.72 11.97
N HIS A 192 -21.95 -20.35 11.76
CA HIS A 192 -22.83 -19.96 10.67
C HIS A 192 -23.73 -18.82 11.14
N SER A 193 -24.57 -18.33 10.23
CA SER A 193 -25.51 -17.26 10.54
C SER A 193 -26.48 -17.72 11.63
N ASP A 194 -27.09 -18.87 11.41
CA ASP A 194 -28.05 -19.42 12.37
C ASP A 194 -27.47 -19.59 13.76
N GLY A 195 -26.14 -19.64 13.84
CA GLY A 195 -25.49 -19.79 15.13
C GLY A 195 -24.81 -21.14 15.32
N THR A 196 -25.03 -22.07 14.40
CA THR A 196 -24.42 -23.40 14.50
C THR A 196 -22.98 -23.32 14.05
N PRO A 197 -22.10 -24.13 14.67
CA PRO A 197 -20.67 -24.15 14.32
C PRO A 197 -20.41 -24.87 13.00
N LEU A 198 -19.39 -24.41 12.28
CA LEU A 198 -19.03 -25.06 11.02
C LEU A 198 -18.55 -26.47 11.31
N THR A 199 -18.62 -27.33 10.29
CA THR A 199 -18.19 -28.71 10.42
C THR A 199 -16.69 -28.83 10.15
N SER A 200 -16.12 -29.97 10.50
CA SER A 200 -14.70 -30.21 10.28
C SER A 200 -14.39 -30.09 8.79
N ASP A 201 -15.29 -30.60 7.95
CA ASP A 201 -15.09 -30.53 6.50
C ASP A 201 -15.13 -29.07 6.06
N GLN A 202 -16.08 -28.33 6.62
CA GLN A 202 -16.23 -26.92 6.29
C GLN A 202 -15.02 -26.11 6.73
N ILE A 203 -14.50 -26.41 7.92
CA ILE A 203 -13.33 -25.70 8.42
C ILE A 203 -12.13 -26.02 7.54
N PHE A 204 -12.04 -27.27 7.13
CA PHE A 204 -10.94 -27.70 6.27
C PHE A 204 -10.89 -26.86 4.98
N VAL A 205 -12.03 -26.72 4.34
CA VAL A 205 -12.16 -25.95 3.10
C VAL A 205 -11.65 -24.53 3.30
N GLN A 206 -11.97 -23.95 4.45
CA GLN A 206 -11.54 -22.59 4.75
C GLN A 206 -10.04 -22.52 4.96
N LEU A 207 -9.47 -23.50 5.66
CA LEU A 207 -8.03 -23.54 5.91
C LEU A 207 -7.25 -23.61 4.59
N GLU A 208 -7.82 -24.28 3.58
CA GLU A 208 -7.16 -24.40 2.27
C GLU A 208 -7.05 -23.03 1.64
N LYS A 209 -8.15 -22.28 1.62
CA LYS A 209 -8.16 -20.94 1.05
C LYS A 209 -7.10 -20.12 1.77
N ILE A 210 -7.11 -20.20 3.10
CA ILE A 210 -6.15 -19.47 3.92
C ILE A 210 -4.72 -19.85 3.55
N TRP A 211 -4.46 -21.14 3.45
CA TRP A 211 -3.13 -21.63 3.12
C TRP A 211 -2.64 -21.13 1.76
N ASN A 212 -3.52 -21.08 0.77
CA ASN A 212 -3.14 -20.63 -0.57
C ASN A 212 -2.99 -19.12 -0.66
N SER A 213 -3.59 -18.40 0.29
CA SER A 213 -3.52 -16.95 0.32
C SER A 213 -2.25 -16.49 1.02
N SER A 214 -1.45 -17.45 1.48
CA SER A 214 -0.20 -17.15 2.16
C SER A 214 0.82 -18.24 1.90
N LEU A 215 1.03 -18.53 0.61
CA LEU A 215 1.96 -19.57 0.17
C LEU A 215 3.43 -19.19 0.37
N GLN A 216 3.73 -17.90 0.33
CA GLN A 216 5.11 -17.45 0.50
C GLN A 216 5.29 -16.75 1.83
N SER A 217 6.49 -16.86 2.39
CA SER A 217 6.79 -16.23 3.66
C SER A 217 7.59 -14.95 3.41
N ASN A 218 7.00 -14.06 2.62
CA ASN A 218 7.65 -12.79 2.26
C ASN A 218 7.22 -11.65 3.19
N LYS A 219 6.06 -11.78 3.81
CA LYS A 219 5.55 -10.74 4.71
C LYS A 219 6.40 -10.66 5.98
N GLU A 220 6.41 -9.48 6.60
CA GLU A 220 7.17 -9.28 7.83
C GLU A 220 6.50 -10.02 9.00
N PRO A 221 7.30 -10.71 9.82
CA PRO A 221 6.75 -11.45 10.96
C PRO A 221 6.36 -10.51 12.11
N VAL A 222 5.36 -9.66 11.86
CA VAL A 222 4.90 -8.71 12.86
C VAL A 222 4.64 -9.35 14.22
N GLY A 223 4.11 -10.57 14.21
CA GLY A 223 3.82 -11.30 15.43
C GLY A 223 5.01 -11.58 16.33
N ILE A 224 6.22 -11.48 15.79
CA ILE A 224 7.39 -11.75 16.61
C ILE A 224 7.59 -10.62 17.64
N LEU A 225 6.90 -9.51 17.41
CA LEU A 225 6.98 -8.36 18.31
C LEU A 225 6.44 -8.71 19.70
N THR A 226 5.54 -9.69 19.75
CA THR A 226 4.92 -10.11 20.99
C THR A 226 5.82 -10.94 21.88
N SER A 227 7.05 -11.20 21.41
CA SER A 227 7.99 -12.00 22.20
C SER A 227 9.06 -11.16 22.88
N ASN A 228 9.04 -9.86 22.63
CA ASN A 228 10.05 -8.99 23.22
C ASN A 228 9.68 -8.59 24.66
N HIS A 229 10.57 -7.83 25.31
CA HIS A 229 10.32 -7.38 26.68
C HIS A 229 8.97 -6.68 26.71
N ARG A 230 8.23 -6.78 27.82
CA ARG A 230 6.91 -6.15 27.85
C ARG A 230 6.97 -4.63 27.74
N ASN A 231 7.99 -4.01 28.33
CA ASN A 231 8.11 -2.57 28.22
C ASN A 231 8.32 -2.18 26.76
N THR A 232 9.22 -2.90 26.09
CA THR A 232 9.52 -2.64 24.69
C THR A 232 8.32 -2.93 23.80
N TRP A 233 7.68 -4.08 24.04
CA TRP A 233 6.52 -4.48 23.26
C TRP A 233 5.37 -3.47 23.50
N ALA A 234 5.25 -2.98 24.73
CA ALA A 234 4.19 -2.02 25.04
C ALA A 234 4.30 -0.82 24.12
N LYS A 235 5.52 -0.32 23.96
CA LYS A 235 5.77 0.84 23.10
C LYS A 235 5.64 0.52 21.62
N ALA A 236 6.20 -0.62 21.20
CA ALA A 236 6.13 -1.03 19.80
C ALA A 236 4.68 -1.28 19.44
N TYR A 237 3.91 -1.81 20.38
CA TYR A 237 2.50 -2.09 20.17
C TYR A 237 1.73 -0.80 19.94
N ASN A 238 1.98 0.18 20.78
CA ASN A 238 1.31 1.46 20.68
C ASN A 238 1.55 2.10 19.32
N ASN A 239 2.74 1.91 18.78
CA ASN A 239 3.06 2.49 17.48
C ASN A 239 2.37 1.70 16.39
N LEU A 240 2.47 0.37 16.50
CA LEU A 240 1.88 -0.53 15.53
C LEU A 240 0.42 -0.24 15.23
N ILE A 241 -0.36 0.02 16.28
CA ILE A 241 -1.79 0.26 16.12
C ILE A 241 -2.19 1.69 15.76
N LYS A 242 -1.22 2.53 15.44
CA LYS A 242 -1.54 3.91 15.04
C LYS A 242 -2.15 3.89 13.64
N ASP A 243 -1.94 2.80 12.91
CA ASP A 243 -2.49 2.67 11.57
C ASP A 243 -3.86 2.04 11.67
N LYS A 244 -4.82 2.53 10.87
CA LYS A 244 -6.18 2.01 10.91
C LYS A 244 -6.23 0.51 10.62
N VAL A 245 -5.54 0.09 9.56
CA VAL A 245 -5.53 -1.32 9.16
C VAL A 245 -4.89 -2.20 10.24
N ASN A 246 -3.72 -1.77 10.70
CA ASN A 246 -3.00 -2.51 11.72
C ASN A 246 -3.87 -2.70 12.95
N ARG A 247 -4.45 -1.60 13.44
CA ARG A 247 -5.29 -1.65 14.63
C ARG A 247 -6.44 -2.62 14.42
N GLU A 248 -6.98 -2.63 13.21
CA GLU A 248 -8.09 -3.50 12.89
C GLU A 248 -7.66 -4.97 12.94
N SER A 249 -6.48 -5.26 12.43
CA SER A 249 -5.97 -6.62 12.42
C SER A 249 -5.70 -7.12 13.84
N VAL A 250 -5.07 -6.28 14.64
CA VAL A 250 -4.76 -6.63 16.03
C VAL A 250 -6.04 -6.89 16.80
N ASN A 251 -7.03 -6.03 16.62
CA ASN A 251 -8.31 -6.19 17.32
C ASN A 251 -8.93 -7.55 16.99
N SER A 252 -8.86 -7.94 15.73
CA SER A 252 -9.39 -9.23 15.32
C SER A 252 -8.68 -10.37 16.05
N ILE A 253 -7.36 -10.27 16.13
CA ILE A 253 -6.56 -11.27 16.80
C ILE A 253 -6.92 -11.37 18.29
N GLN A 254 -6.97 -10.23 18.96
CA GLN A 254 -7.28 -10.21 20.37
C GLN A 254 -8.65 -10.77 20.68
N LYS A 255 -9.62 -10.50 19.82
CA LYS A 255 -10.98 -10.97 20.03
C LYS A 255 -11.20 -12.42 19.63
N SER A 256 -10.41 -12.92 18.68
CA SER A 256 -10.55 -14.30 18.20
C SER A 256 -10.67 -15.30 19.35
N ILE A 257 -11.52 -16.31 19.16
CA ILE A 257 -11.74 -17.34 20.18
C ILE A 257 -10.43 -17.99 20.60
N PHE A 258 -9.55 -18.19 19.63
CA PHE A 258 -8.24 -18.78 19.85
C PHE A 258 -7.49 -18.78 18.51
N THR A 259 -6.17 -18.95 18.58
CA THR A 259 -5.35 -18.94 17.39
C THR A 259 -4.79 -20.32 17.02
N VAL A 260 -4.76 -20.59 15.73
CA VAL A 260 -4.22 -21.86 15.23
C VAL A 260 -3.02 -21.49 14.36
N CYS A 261 -1.85 -22.03 14.71
CA CYS A 261 -0.62 -21.77 13.99
C CYS A 261 -0.23 -22.94 13.06
N LEU A 262 -0.25 -22.68 11.76
CA LEU A 262 0.10 -23.69 10.76
C LEU A 262 1.59 -23.49 10.46
N ASP A 263 2.45 -24.13 11.25
CA ASP A 263 3.89 -24.01 11.10
C ASP A 263 4.42 -24.63 9.82
N LYS A 264 5.47 -24.02 9.27
CA LYS A 264 6.10 -24.49 8.04
C LYS A 264 7.11 -25.58 8.37
N GLN A 265 7.63 -26.24 7.33
CA GLN A 265 8.61 -27.29 7.50
C GLN A 265 9.90 -26.73 8.06
N VAL A 266 10.52 -27.49 8.97
CA VAL A 266 11.77 -27.08 9.59
C VAL A 266 12.90 -28.07 9.25
N PRO A 267 14.15 -27.58 9.24
CA PRO A 267 15.33 -28.40 8.93
C PRO A 267 15.41 -29.66 9.78
N ARG A 268 15.43 -30.81 9.10
CA ARG A 268 15.51 -32.09 9.78
C ARG A 268 16.70 -32.08 10.72
N VAL A 269 16.52 -32.62 11.92
CA VAL A 269 17.60 -32.65 12.90
C VAL A 269 17.85 -34.07 13.42
N SER A 270 18.90 -34.22 14.20
CA SER A 270 19.25 -35.52 14.77
C SER A 270 18.08 -36.08 15.59
N ASP A 271 18.03 -37.40 15.71
CA ASP A 271 16.97 -38.05 16.46
C ASP A 271 17.11 -37.93 17.98
N ASP A 272 18.31 -37.60 18.45
CA ASP A 272 18.54 -37.47 19.88
C ASP A 272 18.22 -36.07 20.38
N VAL A 273 17.92 -35.17 19.46
CA VAL A 273 17.59 -33.79 19.82
C VAL A 273 16.26 -33.39 19.21
N TYR A 274 15.65 -34.31 18.49
CA TYR A 274 14.37 -34.05 17.82
C TYR A 274 13.28 -33.59 18.78
N ARG A 275 13.04 -34.36 19.83
CA ARG A 275 12.00 -34.01 20.78
C ARG A 275 12.29 -32.66 21.46
N ASN A 276 13.56 -32.36 21.73
CA ASN A 276 13.93 -31.10 22.35
C ASN A 276 13.63 -29.93 21.40
N HIS A 277 13.80 -30.16 20.11
CA HIS A 277 13.53 -29.13 19.11
C HIS A 277 12.04 -28.92 18.93
N VAL A 278 11.25 -29.98 19.11
CA VAL A 278 9.79 -29.85 18.98
C VAL A 278 9.26 -29.10 20.22
N ALA A 279 9.90 -29.31 21.36
CA ALA A 279 9.51 -28.63 22.59
C ALA A 279 9.79 -27.12 22.44
N GLY A 280 10.93 -26.81 21.82
CA GLY A 280 11.29 -25.43 21.59
C GLY A 280 10.35 -24.78 20.60
N GLN A 281 9.94 -25.54 19.59
CA GLN A 281 9.01 -25.02 18.60
C GLN A 281 7.69 -24.61 19.26
N MET A 282 7.25 -25.41 20.24
CA MET A 282 5.99 -25.14 20.92
C MET A 282 6.13 -24.04 21.98
N LEU A 283 7.32 -23.92 22.55
CA LEU A 283 7.57 -22.92 23.57
C LEU A 283 7.87 -21.52 23.02
N HIS A 284 8.76 -21.43 22.02
CA HIS A 284 9.15 -20.15 21.44
C HIS A 284 9.08 -20.05 19.91
N GLY A 285 8.92 -21.19 19.25
CA GLY A 285 8.83 -21.16 17.80
C GLY A 285 10.09 -21.54 17.04
N GLY A 286 11.20 -21.69 17.75
CA GLY A 286 12.44 -22.06 17.08
C GLY A 286 13.33 -20.91 16.68
N GLY A 287 12.74 -19.78 16.32
CA GLY A 287 13.54 -18.64 15.92
C GLY A 287 12.83 -17.81 14.86
N SER A 288 13.36 -16.63 14.58
CA SER A 288 12.77 -15.74 13.57
C SER A 288 12.80 -16.33 12.17
N LYS A 289 13.73 -17.25 11.95
CA LYS A 289 13.85 -17.87 10.64
C LYS A 289 12.97 -19.12 10.52
N PHE A 290 12.33 -19.50 11.62
CA PHE A 290 11.50 -20.69 11.60
C PHE A 290 10.02 -20.43 11.78
N ASN A 291 9.51 -20.62 13.01
CA ASN A 291 8.09 -20.39 13.25
C ASN A 291 7.79 -19.40 14.37
N SER A 292 8.81 -18.72 14.89
CA SER A 292 8.60 -17.75 15.96
C SER A 292 7.75 -16.56 15.52
N GLY A 293 7.83 -16.22 14.23
CA GLY A 293 7.07 -15.11 13.69
C GLY A 293 5.66 -15.52 13.31
N ASN A 294 5.40 -16.84 13.36
CA ASN A 294 4.09 -17.39 13.02
C ASN A 294 3.28 -17.56 14.30
N ARG A 295 3.25 -16.50 15.12
CA ARG A 295 2.52 -16.56 16.38
C ARG A 295 2.14 -15.18 16.91
N TRP A 296 1.40 -15.18 18.01
CA TRP A 296 0.98 -13.94 18.67
C TRP A 296 0.91 -14.36 20.12
N PHE A 297 2.03 -14.20 20.82
CA PHE A 297 2.13 -14.63 22.21
C PHE A 297 1.28 -13.95 23.27
N ASP A 298 0.55 -12.90 22.89
CA ASP A 298 -0.33 -12.23 23.83
C ASP A 298 -1.64 -13.03 23.88
N LYS A 299 -1.91 -13.78 22.80
CA LYS A 299 -3.12 -14.59 22.71
C LYS A 299 -3.13 -15.68 23.77
N THR A 300 -4.23 -15.75 24.51
CA THR A 300 -4.35 -16.74 25.57
C THR A 300 -4.15 -18.18 25.14
N LEU A 301 -4.79 -18.58 24.06
CA LEU A 301 -4.68 -19.95 23.57
C LEU A 301 -4.15 -20.06 22.15
N GLN A 302 -2.99 -20.70 22.01
CA GLN A 302 -2.41 -20.91 20.68
C GLN A 302 -2.18 -22.39 20.45
N PHE A 303 -2.89 -22.97 19.46
CA PHE A 303 -2.71 -24.37 19.11
C PHE A 303 -1.78 -24.40 17.90
N ILE A 304 -0.75 -25.24 17.96
CA ILE A 304 0.22 -25.34 16.88
C ILE A 304 0.15 -26.69 16.16
N VAL A 305 0.16 -26.64 14.84
CA VAL A 305 0.12 -27.85 14.05
C VAL A 305 1.32 -27.82 13.12
N ALA A 306 2.31 -28.66 13.41
CA ALA A 306 3.52 -28.74 12.61
C ALA A 306 3.28 -29.46 11.29
N GLU A 307 4.19 -29.26 10.35
CA GLU A 307 4.12 -29.86 9.02
C GLU A 307 4.52 -31.33 9.03
N ASP A 308 5.41 -31.69 9.94
CA ASP A 308 5.91 -33.06 10.02
C ASP A 308 5.04 -33.96 10.91
N GLY A 309 3.87 -33.47 11.31
CA GLY A 309 2.98 -34.27 12.13
C GLY A 309 2.95 -33.87 13.60
N SER A 310 3.97 -33.14 14.03
CA SER A 310 4.04 -32.71 15.41
C SER A 310 2.97 -31.65 15.71
N CYS A 311 2.55 -31.57 16.95
CA CYS A 311 1.56 -30.57 17.34
C CYS A 311 1.66 -30.30 18.83
N GLY A 312 1.12 -29.16 19.25
CA GLY A 312 1.16 -28.79 20.64
C GLY A 312 0.50 -27.45 20.84
N MET A 313 0.90 -26.74 21.88
CA MET A 313 0.33 -25.43 22.13
C MET A 313 1.12 -24.65 23.16
N VAL A 314 0.80 -23.36 23.25
CA VAL A 314 1.43 -22.45 24.19
C VAL A 314 0.32 -21.49 24.63
N TYR A 315 0.21 -21.25 25.93
CA TYR A 315 -0.84 -20.37 26.43
C TYR A 315 -0.29 -19.29 27.34
N GLU A 316 -0.95 -18.14 27.34
CA GLU A 316 -0.56 -16.99 28.16
C GLU A 316 -1.04 -17.25 29.60
N HIS A 317 -0.08 -17.33 30.52
CA HIS A 317 -0.36 -17.66 31.92
C HIS A 317 -1.28 -16.75 32.73
N ALA A 318 -1.34 -15.47 32.38
CA ALA A 318 -2.21 -14.59 33.14
C ALA A 318 -3.66 -15.10 33.18
N ALA A 319 -4.03 -15.86 32.16
CA ALA A 319 -5.41 -16.40 32.07
C ALA A 319 -5.72 -17.52 33.05
N ALA A 320 -5.22 -18.72 32.79
CA ALA A 320 -5.50 -19.85 33.67
C ALA A 320 -4.27 -20.65 34.04
N GLU A 321 -4.52 -21.80 34.68
CA GLU A 321 -3.45 -22.69 35.10
C GLU A 321 -3.35 -23.91 34.18
N GLY A 322 -2.60 -24.91 34.64
CA GLY A 322 -2.41 -26.11 33.86
C GLY A 322 -3.62 -27.01 33.74
N PRO A 323 -4.17 -27.50 34.86
CA PRO A 323 -5.34 -28.39 34.85
C PRO A 323 -6.45 -27.98 33.87
N PRO A 324 -6.92 -26.73 33.93
CA PRO A 324 -7.98 -26.29 32.99
C PRO A 324 -7.54 -26.48 31.54
N ILE A 325 -6.32 -26.07 31.24
CA ILE A 325 -5.77 -26.17 29.90
C ILE A 325 -5.73 -27.64 29.43
N VAL A 326 -5.19 -28.52 30.26
CA VAL A 326 -5.08 -29.93 29.90
C VAL A 326 -6.45 -30.59 29.79
N ALA A 327 -7.41 -30.10 30.60
CA ALA A 327 -8.76 -30.65 30.54
C ALA A 327 -9.29 -30.38 29.13
N LEU A 328 -9.05 -29.17 28.64
CA LEU A 328 -9.49 -28.81 27.29
C LEU A 328 -8.74 -29.66 26.27
N VAL A 329 -7.45 -29.91 26.52
CA VAL A 329 -6.65 -30.72 25.61
C VAL A 329 -7.18 -32.15 25.52
N ASP A 330 -7.37 -32.78 26.68
CA ASP A 330 -7.86 -34.14 26.71
C ASP A 330 -9.16 -34.27 25.92
N HIS A 331 -10.02 -33.29 26.04
CA HIS A 331 -11.29 -33.31 25.33
C HIS A 331 -11.10 -33.13 23.83
N VAL A 332 -10.29 -32.15 23.45
CA VAL A 332 -10.03 -31.89 22.04
C VAL A 332 -9.36 -33.09 21.37
N MET A 333 -8.31 -33.61 21.99
CA MET A 333 -7.61 -34.75 21.43
C MET A 333 -8.52 -35.94 21.27
N GLU A 334 -9.31 -36.23 22.29
CA GLU A 334 -10.24 -37.35 22.25
C GLU A 334 -11.27 -37.12 21.16
N TYR A 335 -11.50 -35.85 20.83
CA TYR A 335 -12.48 -35.50 19.81
C TYR A 335 -11.90 -35.77 18.41
N THR A 336 -10.62 -35.48 18.24
CA THR A 336 -9.96 -35.69 16.96
C THR A 336 -9.85 -37.18 16.64
N LYS A 337 -10.14 -38.02 17.63
CA LYS A 337 -10.08 -39.47 17.44
C LYS A 337 -11.47 -40.02 17.13
N LYS A 338 -12.49 -39.17 17.26
CA LYS A 338 -13.85 -39.61 16.98
C LYS A 338 -14.10 -39.71 15.48
N PRO A 339 -14.80 -40.78 15.05
CA PRO A 339 -15.11 -41.03 13.65
C PRO A 339 -15.95 -39.94 12.99
N GLU A 340 -16.19 -40.09 11.70
CA GLU A 340 -16.98 -39.13 10.92
C GLU A 340 -18.36 -39.68 10.61
N LEU A 341 -19.35 -38.79 10.48
CA LEU A 341 -20.72 -39.19 10.17
C LEU A 341 -21.27 -38.49 8.93
N VAL A 342 -21.94 -37.36 9.14
CA VAL A 342 -22.53 -36.58 8.05
C VAL A 342 -21.48 -35.97 7.13
N ARG A 343 -21.33 -36.57 5.95
CA ARG A 343 -20.37 -36.09 4.96
C ARG A 343 -21.12 -35.45 3.79
N SER A 344 -22.33 -34.97 4.06
CA SER A 344 -23.14 -34.32 3.05
C SER A 344 -22.39 -33.17 2.38
N PRO A 345 -22.69 -32.89 1.10
CA PRO A 345 -22.02 -31.81 0.37
C PRO A 345 -22.27 -30.44 0.99
N MET A 346 -21.23 -29.88 1.59
CA MET A 346 -21.32 -28.58 2.23
C MET A 346 -21.51 -27.46 1.20
N VAL A 347 -22.19 -26.39 1.61
CA VAL A 347 -22.45 -25.26 0.73
C VAL A 347 -21.29 -24.27 0.70
N PRO A 348 -21.22 -23.43 -0.34
CA PRO A 348 -20.15 -22.44 -0.48
C PRO A 348 -19.90 -21.64 0.80
N LEU A 349 -18.68 -21.12 0.92
CA LEU A 349 -18.29 -20.34 2.08
C LEU A 349 -17.49 -19.12 1.67
N PRO A 350 -17.54 -18.05 2.48
CA PRO A 350 -16.81 -16.82 2.18
C PRO A 350 -15.30 -16.96 2.33
N MET A 351 -14.55 -16.06 1.68
CA MET A 351 -13.09 -16.08 1.74
C MET A 351 -12.63 -15.47 3.06
N PRO A 352 -11.90 -16.25 3.88
CA PRO A 352 -11.40 -15.75 5.16
C PRO A 352 -10.67 -14.43 4.99
N LYS A 353 -11.10 -13.41 5.75
CA LYS A 353 -10.49 -12.10 5.67
C LYS A 353 -9.03 -12.14 6.08
N LYS A 354 -8.18 -11.51 5.28
CA LYS A 354 -6.75 -11.46 5.57
C LYS A 354 -6.43 -10.22 6.40
N LEU A 355 -5.93 -10.45 7.62
CA LEU A 355 -5.58 -9.35 8.53
C LEU A 355 -4.21 -8.78 8.16
N ARG A 356 -4.22 -7.88 7.18
CA ARG A 356 -2.98 -7.26 6.70
C ARG A 356 -2.36 -6.30 7.69
N PHE A 357 -1.07 -6.02 7.48
CA PHE A 357 -0.32 -5.09 8.33
C PHE A 357 0.50 -4.14 7.47
N ASN A 358 0.33 -2.84 7.71
CA ASN A 358 1.08 -1.82 6.97
C ASN A 358 2.40 -1.59 7.69
N ILE A 359 3.49 -2.06 7.09
CA ILE A 359 4.81 -1.92 7.69
C ILE A 359 5.44 -0.58 7.37
N THR A 360 6.15 -0.03 8.34
CA THR A 360 6.81 1.25 8.16
C THR A 360 8.25 1.06 8.63
N PRO A 361 9.12 2.03 8.32
CA PRO A 361 10.52 1.92 8.74
C PRO A 361 10.66 1.70 10.24
N GLU A 362 9.78 2.33 11.02
CA GLU A 362 9.84 2.21 12.47
C GLU A 362 9.40 0.83 12.93
N ILE A 363 8.31 0.33 12.36
CA ILE A 363 7.80 -0.99 12.68
C ILE A 363 8.85 -2.04 12.30
N LYS A 364 9.45 -1.86 11.12
CA LYS A 364 10.48 -2.78 10.65
C LYS A 364 11.59 -2.86 11.68
N ASN A 365 12.05 -1.70 12.15
CA ASN A 365 13.11 -1.65 13.14
C ASN A 365 12.70 -2.41 14.40
N ASP A 366 11.44 -2.27 14.82
CA ASP A 366 10.95 -2.95 16.01
C ASP A 366 10.96 -4.48 15.81
N ILE A 367 10.59 -4.92 14.61
CA ILE A 367 10.58 -6.35 14.31
C ILE A 367 12.00 -6.92 14.39
N GLU A 368 12.96 -6.19 13.84
CA GLU A 368 14.35 -6.63 13.85
C GLU A 368 14.88 -6.69 15.27
N LYS A 369 14.53 -5.69 16.08
CA LYS A 369 14.98 -5.67 17.46
C LYS A 369 14.40 -6.88 18.19
N ALA A 370 13.15 -7.22 17.85
CA ALA A 370 12.49 -8.36 18.46
C ALA A 370 13.19 -9.65 18.04
N LYS A 371 13.60 -9.74 16.77
CA LYS A 371 14.30 -10.93 16.28
C LYS A 371 15.57 -11.13 17.07
N GLN A 372 16.31 -10.04 17.25
CA GLN A 372 17.57 -10.06 17.99
C GLN A 372 17.36 -10.51 19.41
N ASN A 373 16.34 -9.94 20.05
CA ASN A 373 16.04 -10.30 21.42
C ASN A 373 15.68 -11.78 21.54
N LEU A 374 14.78 -12.24 20.67
CA LEU A 374 14.33 -13.62 20.69
C LEU A 374 15.47 -14.58 20.40
N SER A 375 16.39 -14.18 19.53
CA SER A 375 17.54 -15.00 19.20
C SER A 375 18.38 -15.25 20.46
N ILE A 376 18.60 -14.19 21.23
CA ILE A 376 19.37 -14.30 22.46
C ILE A 376 18.66 -15.26 23.44
N MET A 377 17.35 -15.05 23.62
CA MET A 377 16.56 -15.89 24.53
C MET A 377 16.69 -17.38 24.19
N ILE A 378 16.45 -17.72 22.93
CA ILE A 378 16.51 -19.10 22.49
C ILE A 378 17.90 -19.69 22.67
N GLN A 379 18.93 -18.95 22.27
CA GLN A 379 20.29 -19.46 22.39
C GLN A 379 20.65 -19.79 23.83
N ASP A 380 20.05 -19.08 24.77
CA ASP A 380 20.35 -19.31 26.18
C ASP A 380 19.49 -20.40 26.85
N LEU A 381 18.46 -20.87 26.16
CA LEU A 381 17.56 -21.90 26.71
C LEU A 381 18.07 -23.31 26.46
N ASP A 382 18.21 -24.08 27.53
CA ASP A 382 18.70 -25.46 27.46
C ASP A 382 17.57 -26.39 27.84
N ILE A 383 17.07 -27.16 26.88
CA ILE A 383 15.98 -28.07 27.12
C ILE A 383 16.32 -29.55 26.97
N MET A 384 15.72 -30.37 27.82
CA MET A 384 15.94 -31.80 27.75
C MET A 384 14.63 -32.51 28.02
N MET A 385 14.10 -33.21 27.02
CA MET A 385 12.85 -33.96 27.15
C MET A 385 13.16 -35.41 27.53
N LEU A 386 12.64 -35.85 28.67
CA LEU A 386 12.89 -37.22 29.13
C LEU A 386 11.62 -38.05 29.27
N THR A 387 11.56 -39.14 28.51
CA THR A 387 10.43 -40.04 28.59
C THR A 387 10.87 -41.19 29.49
N PHE A 388 10.43 -41.15 30.76
CA PHE A 388 10.76 -42.19 31.74
C PHE A 388 9.84 -43.38 31.43
N HIS A 389 10.35 -44.38 30.69
CA HIS A 389 9.54 -45.54 30.31
C HIS A 389 9.56 -46.65 31.36
N HIS A 390 10.56 -46.61 32.22
CA HIS A 390 10.74 -47.59 33.27
C HIS A 390 9.45 -47.89 34.04
N PHE A 391 8.74 -46.84 34.43
CA PHE A 391 7.49 -47.02 35.15
C PHE A 391 6.78 -45.68 35.38
N GLY A 392 5.57 -45.76 35.93
CA GLY A 392 4.80 -44.56 36.19
C GLY A 392 4.18 -44.60 37.57
N LYS A 393 2.92 -44.17 37.66
CA LYS A 393 2.23 -44.17 38.94
C LYS A 393 2.09 -45.59 39.47
N ASP A 394 2.11 -46.57 38.57
CA ASP A 394 1.96 -47.97 38.96
C ASP A 394 2.85 -48.46 40.10
N PHE A 395 4.16 -48.20 40.00
CA PHE A 395 5.03 -48.67 41.07
C PHE A 395 4.79 -47.99 42.40
N PRO A 396 4.83 -46.65 42.44
CA PRO A 396 4.60 -45.94 43.69
C PRO A 396 3.30 -46.42 44.37
N LYS A 397 2.23 -46.54 43.59
CA LYS A 397 0.96 -47.00 44.14
C LYS A 397 1.06 -48.41 44.73
N SER A 398 1.73 -49.31 44.03
CA SER A 398 1.88 -50.68 44.51
C SER A 398 2.68 -50.67 45.82
N GLU A 399 3.34 -49.57 46.09
CA GLU A 399 4.11 -49.41 47.32
C GLU A 399 3.34 -48.62 48.37
N LYS A 400 2.11 -48.24 48.03
CA LYS A 400 1.26 -47.46 48.92
C LYS A 400 1.90 -46.10 49.16
N LEU A 401 2.47 -45.52 48.10
CA LEU A 401 3.10 -44.21 48.21
C LEU A 401 2.54 -43.29 47.14
N SER A 402 2.43 -42.01 47.46
CA SER A 402 1.93 -41.04 46.51
C SER A 402 2.90 -40.87 45.35
N PRO A 403 2.43 -41.11 44.12
CA PRO A 403 3.29 -40.98 42.93
C PRO A 403 3.97 -39.60 42.83
N ASP A 404 3.18 -38.55 42.95
CA ASP A 404 3.74 -37.21 42.86
C ASP A 404 4.78 -36.96 43.93
N ALA A 405 4.49 -37.39 45.15
CA ALA A 405 5.43 -37.22 46.25
C ALA A 405 6.68 -38.06 45.97
N PHE A 406 6.46 -39.23 45.40
CA PHE A 406 7.56 -40.12 45.07
C PHE A 406 8.47 -39.42 44.07
N ILE A 407 7.87 -38.84 43.05
CA ILE A 407 8.63 -38.12 42.03
C ILE A 407 9.35 -36.90 42.62
N GLN A 408 8.66 -36.14 43.45
CA GLN A 408 9.27 -34.95 44.05
C GLN A 408 10.47 -35.36 44.90
N VAL A 409 10.30 -36.40 45.70
CA VAL A 409 11.39 -36.87 46.57
C VAL A 409 12.56 -37.34 45.70
N ALA A 410 12.25 -37.94 44.56
CA ALA A 410 13.29 -38.40 43.65
C ALA A 410 14.08 -37.20 43.11
N LEU A 411 13.36 -36.10 42.83
CA LEU A 411 14.01 -34.89 42.32
C LEU A 411 14.96 -34.31 43.37
N GLN A 412 14.53 -34.32 44.63
CA GLN A 412 15.37 -33.84 45.72
C GLN A 412 16.64 -34.69 45.77
N LEU A 413 16.48 -36.02 45.68
CA LEU A 413 17.63 -36.93 45.72
C LEU A 413 18.60 -36.61 44.58
N ALA A 414 18.07 -36.48 43.38
CA ALA A 414 18.87 -36.17 42.20
C ALA A 414 19.65 -34.86 42.34
N TYR A 415 19.00 -33.84 42.89
CA TYR A 415 19.63 -32.53 43.06
C TYR A 415 20.75 -32.61 44.09
N TYR A 416 20.49 -33.27 45.21
CA TYR A 416 21.50 -33.41 46.24
C TYR A 416 22.71 -34.19 45.71
N ARG A 417 22.46 -35.20 44.90
CA ARG A 417 23.55 -36.00 44.33
C ARG A 417 24.43 -35.14 43.44
N ILE A 418 23.84 -34.16 42.77
CA ILE A 418 24.60 -33.31 41.90
C ILE A 418 25.32 -32.17 42.62
N TYR A 419 24.59 -31.46 43.49
CA TYR A 419 25.18 -30.32 44.19
C TYR A 419 25.62 -30.51 45.64
N GLY A 420 25.30 -31.65 46.22
CA GLY A 420 25.72 -31.92 47.58
C GLY A 420 24.98 -31.13 48.65
N GLN A 421 23.87 -30.52 48.28
CA GLN A 421 23.07 -29.75 49.23
C GLN A 421 21.66 -29.58 48.67
N ALA A 422 20.71 -29.28 49.55
CA ALA A 422 19.32 -29.07 49.16
C ALA A 422 19.18 -27.65 48.60
N CYS A 423 18.01 -27.34 48.05
CA CYS A 423 17.75 -26.01 47.50
C CYS A 423 16.26 -25.69 47.52
N ALA A 424 15.93 -24.40 47.57
CA ALA A 424 14.54 -23.96 47.57
C ALA A 424 13.87 -24.61 46.37
N THR A 425 12.82 -25.37 46.63
CA THR A 425 12.11 -26.06 45.57
C THR A 425 10.65 -25.64 45.58
N TYR A 426 10.13 -25.40 44.40
CA TYR A 426 8.76 -24.96 44.24
C TYR A 426 7.96 -25.98 43.44
N GLU A 427 6.80 -26.35 43.94
CA GLU A 427 5.91 -27.24 43.22
C GLU A 427 4.52 -26.61 43.28
N SER A 428 3.93 -26.39 42.10
CA SER A 428 2.59 -25.81 41.98
C SER A 428 1.53 -26.64 42.71
N ALA A 429 0.66 -25.97 43.47
CA ALA A 429 -0.44 -26.64 44.17
C ALA A 429 -1.70 -25.89 43.80
N SER A 430 -2.74 -26.62 43.40
CA SER A 430 -4.00 -25.99 43.01
C SER A 430 -4.85 -25.60 44.21
N LEU A 431 -5.37 -24.37 44.19
CA LEU A 431 -6.24 -23.88 45.26
C LEU A 431 -7.68 -23.76 44.72
N ARG A 432 -7.97 -24.47 43.63
CA ARG A 432 -9.30 -24.41 43.03
C ARG A 432 -10.47 -24.88 43.90
N MET A 433 -10.18 -25.43 45.06
CA MET A 433 -11.30 -25.84 45.90
C MET A 433 -11.90 -24.58 46.53
N PHE A 434 -11.23 -23.45 46.32
CA PHE A 434 -11.70 -22.16 46.82
C PHE A 434 -12.09 -21.27 45.65
N HIS A 435 -13.10 -20.42 45.86
CA HIS A 435 -13.58 -19.51 44.82
C HIS A 435 -12.43 -18.72 44.20
N LEU A 436 -12.35 -18.76 42.87
CA LEU A 436 -11.31 -18.05 42.12
C LEU A 436 -9.88 -18.50 42.48
N GLY A 437 -9.76 -19.57 43.24
CA GLY A 437 -8.44 -20.04 43.63
C GLY A 437 -7.52 -20.38 42.48
N ARG A 438 -6.25 -20.00 42.61
CA ARG A 438 -5.28 -20.31 41.57
C ARG A 438 -4.31 -21.34 42.12
N THR A 439 -3.21 -20.88 42.72
CA THR A 439 -2.23 -21.83 43.24
C THR A 439 -1.52 -21.36 44.51
N ASP A 440 -0.83 -22.31 45.14
CA ASP A 440 -0.03 -22.00 46.32
C ASP A 440 1.26 -22.78 46.12
N THR A 441 2.16 -22.70 47.07
CA THR A 441 3.44 -23.38 46.93
C THR A 441 3.68 -24.55 47.85
N ILE A 442 4.05 -25.68 47.26
CA ILE A 442 4.41 -26.85 48.02
C ILE A 442 5.94 -26.84 47.98
N ARG A 443 6.58 -26.81 49.15
CA ARG A 443 8.03 -26.81 49.21
C ARG A 443 8.56 -28.23 49.38
N SER A 444 9.13 -28.75 48.30
CA SER A 444 9.67 -30.11 48.26
C SER A 444 10.94 -30.31 49.07
N ALA A 445 11.64 -29.23 49.38
CA ALA A 445 12.84 -29.35 50.21
C ALA A 445 12.39 -29.22 51.66
N SER A 446 12.57 -30.28 52.43
CA SER A 446 12.18 -30.26 53.83
C SER A 446 13.16 -31.01 54.73
N ILE A 447 12.83 -31.08 56.01
CA ILE A 447 13.68 -31.76 56.98
C ILE A 447 13.74 -33.24 56.67
N ASP A 448 12.59 -33.82 56.29
CA ASP A 448 12.52 -35.23 55.97
C ASP A 448 13.16 -35.60 54.64
N SER A 449 12.98 -34.77 53.61
CA SER A 449 13.61 -35.06 52.33
C SER A 449 15.12 -34.98 52.46
N LEU A 450 15.62 -33.97 53.16
CA LEU A 450 17.06 -33.85 53.32
C LEU A 450 17.62 -35.03 54.11
N ALA A 451 16.88 -35.49 55.12
CA ALA A 451 17.32 -36.61 55.92
C ALA A 451 17.42 -37.85 55.05
N PHE A 452 16.55 -37.93 54.04
CA PHE A 452 16.53 -39.07 53.13
C PHE A 452 17.68 -39.04 52.13
N VAL A 453 17.84 -37.91 51.44
CA VAL A 453 18.90 -37.79 50.45
C VAL A 453 20.28 -37.99 51.07
N LYS A 454 20.42 -37.60 52.33
CA LYS A 454 21.68 -37.76 53.04
C LYS A 454 21.91 -39.22 53.36
N GLY A 455 20.93 -39.84 54.03
CA GLY A 455 21.05 -41.24 54.39
C GLY A 455 21.11 -42.15 53.19
N MET A 456 20.50 -41.72 52.09
CA MET A 456 20.48 -42.51 50.88
C MET A 456 21.89 -42.66 50.29
N GLY A 457 22.65 -41.56 50.28
CA GLY A 457 24.00 -41.62 49.75
C GLY A 457 25.04 -41.92 50.82
N ASP A 458 24.57 -42.39 51.97
CA ASP A 458 25.48 -42.70 53.06
C ASP A 458 25.80 -44.19 53.02
N SER A 459 27.03 -44.52 52.66
CA SER A 459 27.46 -45.91 52.58
C SER A 459 27.63 -46.57 53.95
N THR A 460 27.16 -45.89 54.99
CA THR A 460 27.26 -46.43 56.33
C THR A 460 25.88 -46.63 56.94
N VAL A 461 24.85 -46.38 56.14
CA VAL A 461 23.46 -46.52 56.59
C VAL A 461 22.82 -47.77 56.00
N PRO A 462 22.24 -48.63 56.86
CA PRO A 462 21.58 -49.87 56.41
C PRO A 462 20.58 -49.59 55.31
N GLU A 463 20.63 -50.37 54.25
CA GLU A 463 19.73 -50.19 53.12
C GLU A 463 18.27 -50.16 53.58
N GLN A 464 17.92 -51.01 54.55
CA GLN A 464 16.56 -51.06 55.07
C GLN A 464 16.24 -49.78 55.85
N GLN A 465 17.28 -49.15 56.39
CA GLN A 465 17.10 -47.93 57.14
C GLN A 465 16.78 -46.78 56.18
N LYS A 466 17.33 -46.85 54.98
CA LYS A 466 17.07 -45.81 53.98
C LYS A 466 15.61 -45.89 53.54
N VAL A 467 15.04 -47.08 53.62
CA VAL A 467 13.64 -47.29 53.23
C VAL A 467 12.72 -46.46 54.10
N GLU A 468 12.93 -46.51 55.42
CA GLU A 468 12.12 -45.76 56.37
C GLU A 468 12.21 -44.26 56.05
N LEU A 469 13.43 -43.79 55.86
CA LEU A 469 13.66 -42.38 55.54
C LEU A 469 12.95 -41.99 54.25
N LEU A 470 12.93 -42.90 53.29
CA LEU A 470 12.28 -42.64 52.01
C LEU A 470 10.78 -42.48 52.20
N ARG A 471 10.15 -43.44 52.86
CA ARG A 471 8.72 -43.37 53.09
C ARG A 471 8.36 -42.14 53.91
N LYS A 472 9.18 -41.80 54.89
CA LYS A 472 8.92 -40.63 55.73
C LYS A 472 8.95 -39.33 54.91
N ALA A 473 9.90 -39.24 53.98
CA ALA A 473 10.00 -38.05 53.15
C ALA A 473 8.77 -37.94 52.26
N VAL A 474 8.38 -39.05 51.65
CA VAL A 474 7.21 -39.12 50.79
C VAL A 474 5.95 -38.72 51.57
N GLN A 475 5.78 -39.32 52.75
CA GLN A 475 4.62 -39.00 53.58
C GLN A 475 4.64 -37.52 53.98
N ALA A 476 5.82 -37.00 54.30
CA ALA A 476 5.94 -35.59 54.68
C ALA A 476 5.49 -34.71 53.53
N HIS A 477 5.92 -35.06 52.32
CA HIS A 477 5.57 -34.30 51.13
C HIS A 477 4.06 -34.40 50.83
N ARG A 478 3.48 -35.57 51.08
CA ARG A 478 2.06 -35.78 50.87
C ARG A 478 1.27 -34.92 51.87
N ALA A 479 1.78 -34.79 53.08
CA ALA A 479 1.12 -33.99 54.11
C ALA A 479 1.14 -32.52 53.71
N TYR A 480 2.29 -32.06 53.20
CA TYR A 480 2.45 -30.67 52.78
C TYR A 480 1.49 -30.42 51.61
N THR A 481 1.43 -31.37 50.69
CA THR A 481 0.54 -31.26 49.55
C THR A 481 -0.93 -31.12 49.98
N ASP A 482 -1.35 -31.94 50.94
CA ASP A 482 -2.72 -31.89 51.43
C ASP A 482 -3.03 -30.55 52.09
N ARG A 483 -2.06 -30.02 52.84
CA ARG A 483 -2.24 -28.72 53.48
C ARG A 483 -2.30 -27.60 52.44
N ALA A 484 -1.47 -27.71 51.42
CA ALA A 484 -1.41 -26.68 50.38
C ALA A 484 -2.74 -26.53 49.65
N ILE A 485 -3.32 -27.63 49.22
CA ILE A 485 -4.58 -27.58 48.48
C ILE A 485 -5.76 -27.17 49.35
N ARG A 486 -5.56 -27.21 50.66
CA ARG A 486 -6.61 -26.80 51.60
C ARG A 486 -6.37 -25.38 52.13
N GLY A 487 -5.46 -24.64 51.48
CA GLY A 487 -5.18 -23.27 51.90
C GLY A 487 -4.40 -23.19 53.21
N GLU A 488 -3.64 -24.23 53.52
CA GLU A 488 -2.86 -24.25 54.76
C GLU A 488 -1.36 -24.05 54.50
N ALA A 489 -1.00 -23.78 53.26
CA ALA A 489 0.41 -23.54 52.92
C ALA A 489 0.71 -22.15 53.48
N PHE A 490 1.94 -21.69 53.32
CA PHE A 490 2.29 -20.38 53.85
C PHE A 490 2.87 -19.39 52.84
N ASP A 491 3.34 -19.88 51.68
CA ASP A 491 3.94 -18.98 50.71
C ASP A 491 3.08 -17.80 50.25
N ARG A 492 1.87 -18.08 49.79
CA ARG A 492 0.97 -17.03 49.34
C ARG A 492 0.60 -16.15 50.55
N HIS A 493 0.46 -16.76 51.71
CA HIS A 493 0.13 -16.02 52.92
C HIS A 493 1.21 -14.98 53.20
N LEU A 494 2.47 -15.43 53.30
CA LEU A 494 3.58 -14.52 53.57
C LEU A 494 3.65 -13.42 52.54
N LEU A 495 3.36 -13.77 51.28
CA LEU A 495 3.38 -12.78 50.21
C LEU A 495 2.30 -11.74 50.52
N GLY A 496 1.15 -12.22 50.98
CA GLY A 496 0.05 -11.33 51.32
C GLY A 496 0.44 -10.36 52.43
N LEU A 497 1.13 -10.88 53.45
CA LEU A 497 1.57 -10.05 54.57
C LEU A 497 2.52 -8.94 54.08
N LYS A 498 3.36 -9.26 53.11
CA LYS A 498 4.29 -8.27 52.57
C LYS A 498 3.53 -7.21 51.75
N LEU A 499 2.62 -7.64 50.88
CA LEU A 499 1.87 -6.68 50.07
C LEU A 499 0.99 -5.84 50.99
N GLN A 500 0.50 -6.45 52.07
CA GLN A 500 -0.35 -5.74 53.02
C GLN A 500 0.47 -4.63 53.68
N ALA A 501 1.71 -4.96 54.05
CA ALA A 501 2.61 -3.98 54.68
C ALA A 501 2.78 -2.81 53.72
N ILE A 502 3.01 -3.10 52.45
CA ILE A 502 3.19 -2.05 51.46
C ILE A 502 1.92 -1.18 51.39
N GLU A 503 0.78 -1.83 51.34
CA GLU A 503 -0.49 -1.14 51.25
C GLU A 503 -0.78 -0.32 52.51
N ASP A 504 -0.39 -0.85 53.67
CA ASP A 504 -0.60 -0.14 54.93
C ASP A 504 0.36 1.04 55.05
N LEU A 505 1.22 1.21 54.05
CA LEU A 505 2.18 2.30 54.04
C LEU A 505 3.15 2.24 55.23
N VAL A 506 3.49 1.03 55.66
CA VAL A 506 4.43 0.87 56.76
C VAL A 506 5.77 0.37 56.22
N SER A 507 6.84 0.62 56.95
CA SER A 507 8.16 0.19 56.52
C SER A 507 8.18 -1.32 56.29
N MET A 508 8.92 -1.74 55.28
CA MET A 508 9.03 -3.15 54.96
C MET A 508 9.55 -3.96 56.15
N PRO A 509 8.76 -4.94 56.63
CA PRO A 509 9.14 -5.78 57.77
C PRO A 509 10.47 -6.49 57.50
N ASP A 510 11.35 -6.48 58.49
CA ASP A 510 12.67 -7.11 58.37
C ASP A 510 12.57 -8.55 57.88
N ILE A 511 11.59 -9.27 58.40
CA ILE A 511 11.41 -10.67 58.02
C ILE A 511 11.39 -10.87 56.51
N PHE A 512 10.94 -9.86 55.77
CA PHE A 512 10.86 -9.94 54.32
C PHE A 512 12.14 -9.46 53.65
N MET A 513 13.00 -8.79 54.41
CA MET A 513 14.27 -8.32 53.87
C MET A 513 15.37 -9.25 54.36
N ASP A 514 14.97 -10.25 55.11
CA ASP A 514 15.89 -11.23 55.66
C ASP A 514 16.50 -12.10 54.54
N THR A 515 17.78 -12.44 54.69
CA THR A 515 18.45 -13.28 53.71
C THR A 515 17.71 -14.60 53.52
N SER A 516 17.26 -15.21 54.62
CA SER A 516 16.55 -16.48 54.57
C SER A 516 15.36 -16.45 53.63
N TYR A 517 14.63 -15.34 53.65
CA TYR A 517 13.46 -15.22 52.80
C TYR A 517 13.91 -15.14 51.34
N ALA A 518 14.99 -14.39 51.08
CA ALA A 518 15.47 -14.26 49.72
C ALA A 518 15.83 -15.65 49.17
N ILE A 519 16.52 -16.44 50.00
CA ILE A 519 16.93 -17.79 49.62
C ILE A 519 15.69 -18.63 49.38
N ALA A 520 14.78 -18.62 50.35
CA ALA A 520 13.54 -19.40 50.29
C ALA A 520 12.71 -19.10 49.04
N MET A 521 12.76 -17.85 48.57
CA MET A 521 12.00 -17.45 47.39
C MET A 521 12.77 -17.56 46.08
N HIS A 522 14.04 -17.94 46.16
CA HIS A 522 14.87 -18.10 44.97
C HIS A 522 14.83 -19.59 44.64
N PHE A 523 13.87 -20.00 43.82
CA PHE A 523 13.67 -21.40 43.47
C PHE A 523 14.59 -22.00 42.40
N ASN A 524 15.69 -22.59 42.83
CA ASN A 524 16.63 -23.22 41.91
C ASN A 524 15.89 -24.35 41.19
N LEU A 525 14.83 -24.84 41.83
CA LEU A 525 13.99 -25.86 41.24
C LEU A 525 12.54 -25.37 41.22
N SER A 526 12.01 -25.13 40.03
CA SER A 526 10.63 -24.70 39.88
C SER A 526 9.96 -25.83 39.10
N THR A 527 8.98 -26.46 39.75
CA THR A 527 8.32 -27.62 39.17
C THR A 527 6.80 -27.59 39.24
N ALA A 528 6.18 -28.56 38.57
CA ALA A 528 4.74 -28.67 38.55
C ALA A 528 4.34 -29.97 37.85
N GLN A 529 3.27 -30.56 38.32
CA GLN A 529 2.78 -31.78 37.71
C GLN A 529 1.57 -31.40 36.84
N VAL A 530 1.55 -31.92 35.61
CA VAL A 530 0.46 -31.66 34.69
C VAL A 530 -0.28 -32.95 34.35
N PRO A 531 -1.12 -33.44 35.27
CA PRO A 531 -1.89 -34.68 35.05
C PRO A 531 -2.77 -34.56 33.81
N ALA A 532 -2.75 -35.56 32.94
CA ALA A 532 -3.58 -35.53 31.75
C ALA A 532 -3.76 -36.92 31.20
N LYS A 533 -4.91 -37.16 30.58
CA LYS A 533 -5.20 -38.46 29.97
C LYS A 533 -4.39 -38.55 28.69
N THR A 534 -4.26 -37.42 28.00
CA THR A 534 -3.50 -37.35 26.76
C THR A 534 -2.02 -37.54 27.09
N ASP A 535 -1.32 -38.32 26.29
CA ASP A 535 0.10 -38.57 26.54
C ASP A 535 0.91 -37.34 26.09
N CYS A 536 0.79 -36.26 26.85
CA CYS A 536 1.47 -35.02 26.51
C CYS A 536 2.30 -34.62 27.70
N VAL A 537 3.00 -33.50 27.57
CA VAL A 537 3.84 -33.01 28.63
C VAL A 537 4.02 -31.51 28.45
N GLY A 538 4.05 -30.78 29.55
CA GLY A 538 4.23 -29.34 29.46
C GLY A 538 5.67 -28.96 29.77
N PHE A 539 6.04 -27.70 29.54
CA PHE A 539 7.37 -27.21 29.84
C PHE A 539 7.42 -25.70 29.96
N PHE A 540 8.41 -25.21 30.70
CA PHE A 540 8.57 -23.77 30.90
C PHE A 540 10.01 -23.51 31.29
N GLY A 541 10.49 -22.30 31.09
CA GLY A 541 11.86 -22.00 31.46
C GLY A 541 12.00 -21.87 32.97
N PRO A 542 13.24 -21.92 33.49
CA PRO A 542 13.47 -21.78 34.93
C PRO A 542 12.98 -20.40 35.41
N VAL A 543 12.77 -20.24 36.71
CA VAL A 543 12.32 -18.95 37.25
C VAL A 543 13.50 -18.10 37.70
N VAL A 544 14.68 -18.71 37.76
CA VAL A 544 15.90 -18.00 38.13
C VAL A 544 17.03 -18.40 37.17
N PRO A 545 18.00 -17.50 36.97
CA PRO A 545 19.14 -17.74 36.07
C PRO A 545 19.88 -19.06 36.34
N ASP A 546 20.03 -19.41 37.61
CA ASP A 546 20.73 -20.63 38.01
C ASP A 546 19.78 -21.74 38.49
N GLY A 547 18.61 -21.83 37.88
CA GLY A 547 17.66 -22.86 38.28
C GLY A 547 17.19 -23.73 37.14
N TYR A 548 16.28 -24.65 37.45
CA TYR A 548 15.73 -25.55 36.44
C TYR A 548 14.22 -25.42 36.40
N GLY A 549 13.65 -25.71 35.23
CA GLY A 549 12.21 -25.69 35.06
C GLY A 549 11.78 -27.12 34.76
N ILE A 550 11.20 -27.80 35.74
CA ILE A 550 10.81 -29.19 35.52
C ILE A 550 9.30 -29.40 35.54
N CYS A 551 8.78 -29.99 34.47
CA CYS A 551 7.35 -30.26 34.36
C CYS A 551 7.17 -31.74 33.98
N TYR A 552 6.15 -32.38 34.54
CA TYR A 552 5.94 -33.79 34.24
C TYR A 552 4.48 -34.20 34.24
N ASN A 553 4.22 -35.28 33.52
CA ASN A 553 2.88 -35.84 33.42
C ASN A 553 3.01 -37.31 33.78
N PRO A 554 2.64 -37.68 35.02
CA PRO A 554 2.72 -39.07 35.47
C PRO A 554 1.63 -39.93 34.85
N MET A 555 2.03 -40.87 34.02
CA MET A 555 1.07 -41.77 33.40
C MET A 555 1.11 -43.05 34.22
N GLU A 556 0.31 -44.04 33.83
CA GLU A 556 0.26 -45.29 34.57
C GLU A 556 1.55 -46.11 34.50
N ALA A 557 2.07 -46.31 33.30
CA ALA A 557 3.29 -47.11 33.10
C ALA A 557 4.54 -46.32 32.75
N HIS A 558 4.40 -45.01 32.58
CA HIS A 558 5.55 -44.16 32.27
C HIS A 558 5.31 -42.73 32.74
N ILE A 559 6.35 -41.91 32.67
CA ILE A 559 6.24 -40.52 33.08
C ILE A 559 6.93 -39.59 32.08
N ASN A 560 6.18 -38.62 31.57
CA ASN A 560 6.73 -37.66 30.63
C ASN A 560 7.37 -36.51 31.41
N PHE A 561 8.65 -36.27 31.15
CA PHE A 561 9.38 -35.22 31.83
C PHE A 561 9.92 -34.15 30.89
N SER A 562 10.03 -32.93 31.40
CA SER A 562 10.63 -31.85 30.62
C SER A 562 11.52 -31.10 31.59
N VAL A 563 12.79 -30.90 31.21
CA VAL A 563 13.76 -30.18 32.05
C VAL A 563 14.39 -29.01 31.30
N SER A 564 14.29 -27.82 31.88
CA SER A 564 14.85 -26.64 31.24
C SER A 564 15.92 -26.01 32.12
N ALA A 565 16.82 -25.27 31.49
CA ALA A 565 17.89 -24.58 32.21
C ALA A 565 18.43 -23.50 31.30
N TYR A 566 19.28 -22.64 31.86
CA TYR A 566 19.88 -21.57 31.09
C TYR A 566 21.37 -21.80 30.87
N ASN A 567 21.83 -21.61 29.65
CA ASN A 567 23.24 -21.80 29.33
C ASN A 567 24.11 -20.70 29.94
N SER A 568 23.48 -19.63 30.42
CA SER A 568 24.21 -18.53 31.04
C SER A 568 24.79 -18.98 32.37
N CYS A 569 24.23 -20.05 32.94
CA CYS A 569 24.70 -20.59 34.22
C CYS A 569 25.43 -21.91 34.01
N ALA A 570 26.75 -21.87 34.01
CA ALA A 570 27.56 -23.08 33.79
C ALA A 570 27.29 -24.17 34.83
N GLU A 571 26.72 -23.80 35.97
CA GLU A 571 26.43 -24.76 37.03
C GLU A 571 25.20 -25.63 36.74
N THR A 572 24.45 -25.31 35.68
CA THR A 572 23.26 -26.09 35.37
C THR A 572 23.33 -26.73 33.99
N ASN A 573 22.73 -27.90 33.87
CA ASN A 573 22.70 -28.63 32.60
C ASN A 573 21.45 -29.50 32.55
N ALA A 574 20.53 -29.17 31.67
CA ALA A 574 19.27 -29.90 31.54
C ALA A 574 19.47 -31.42 31.38
N ALA A 575 20.31 -31.84 30.44
CA ALA A 575 20.53 -33.27 30.22
C ALA A 575 21.02 -33.97 31.49
N ARG A 576 22.00 -33.39 32.16
CA ARG A 576 22.55 -33.96 33.36
C ARG A 576 21.51 -34.12 34.46
N MET A 577 20.73 -33.08 34.68
CA MET A 577 19.69 -33.11 35.71
C MET A 577 18.68 -34.21 35.38
N ALA A 578 18.31 -34.32 34.11
CA ALA A 578 17.35 -35.32 33.68
C ALA A 578 17.87 -36.74 33.95
N HIS A 579 19.16 -36.94 33.68
CA HIS A 579 19.79 -38.24 33.90
C HIS A 579 19.81 -38.60 35.38
N TYR A 580 20.18 -37.65 36.23
CA TYR A 580 20.20 -37.96 37.66
C TYR A 580 18.79 -38.20 38.18
N LEU A 581 17.80 -37.52 37.60
CA LEU A 581 16.41 -37.70 38.02
C LEU A 581 15.98 -39.12 37.64
N GLU A 582 16.26 -39.53 36.42
CA GLU A 582 15.93 -40.87 35.98
C GLU A 582 16.56 -41.91 36.90
N LYS A 583 17.85 -41.74 37.20
CA LYS A 583 18.57 -42.67 38.06
C LYS A 583 18.04 -42.63 39.48
N ALA A 584 17.66 -41.44 39.94
CA ALA A 584 17.12 -41.28 41.28
C ALA A 584 15.83 -42.08 41.44
N LEU A 585 14.93 -41.95 40.48
CA LEU A 585 13.66 -42.69 40.49
C LEU A 585 13.92 -44.20 40.53
N LEU A 586 14.81 -44.66 39.67
CA LEU A 586 15.14 -46.08 39.59
C LEU A 586 15.75 -46.61 40.89
N ASP A 587 16.72 -45.89 41.44
CA ASP A 587 17.36 -46.31 42.68
C ASP A 587 16.35 -46.41 43.81
N MET A 588 15.38 -45.49 43.85
CA MET A 588 14.37 -45.52 44.89
C MET A 588 13.52 -46.78 44.73
N ARG A 589 13.19 -47.13 43.49
CA ARG A 589 12.42 -48.34 43.23
C ARG A 589 13.24 -49.55 43.70
N THR A 590 14.52 -49.56 43.35
CA THR A 590 15.37 -50.67 43.72
C THR A 590 15.40 -50.83 45.23
N LEU A 591 15.58 -49.72 45.93
CA LEU A 591 15.63 -49.75 47.38
C LEU A 591 14.37 -50.38 47.96
N LEU A 592 13.21 -49.89 47.53
CA LEU A 592 11.93 -50.39 48.01
C LEU A 592 11.68 -51.85 47.64
N GLN A 593 12.10 -52.25 46.44
CA GLN A 593 11.92 -53.63 46.01
C GLN A 593 12.82 -54.59 46.77
N ASN A 594 14.01 -54.12 47.14
CA ASN A 594 14.94 -54.97 47.86
C ASN A 594 14.45 -55.28 49.27
N HIS A 595 13.48 -54.50 49.74
CA HIS A 595 12.96 -54.70 51.08
C HIS A 595 11.44 -54.62 51.16
N PRO A 596 10.74 -55.66 50.68
CA PRO A 596 9.28 -55.70 50.71
C PRO A 596 8.74 -55.71 52.13
N ARG A 597 7.54 -55.17 52.32
CA ARG A 597 6.93 -55.13 53.65
C ARG A 597 6.14 -56.41 53.94
N ALA A 598 5.30 -56.81 52.99
CA ALA A 598 4.49 -58.02 53.15
C ALA A 598 5.36 -59.23 53.47
N LYS A 599 5.42 -59.57 54.76
CA LYS A 599 6.23 -60.71 55.22
C LYS A 599 7.71 -60.54 54.88
N SER B 1 4.93 51.26 -32.25
CA SER B 1 4.02 50.49 -31.37
C SER B 1 3.39 49.32 -32.11
N HIS B 2 2.54 48.58 -31.42
CA HIS B 2 1.86 47.44 -32.01
C HIS B 2 0.85 47.88 -33.08
N MET B 3 -0.10 48.72 -32.68
CA MET B 3 -1.14 49.19 -33.59
C MET B 3 -0.52 49.78 -34.86
N ALA B 4 0.59 50.48 -34.71
CA ALA B 4 1.30 51.08 -35.83
C ALA B 4 1.80 50.01 -36.80
N HIS B 5 2.37 48.95 -36.24
CA HIS B 5 2.88 47.83 -37.04
C HIS B 5 1.74 47.19 -37.84
N GLN B 6 0.62 46.92 -37.18
CA GLN B 6 -0.52 46.29 -37.82
C GLN B 6 -1.09 47.13 -38.97
N ASP B 7 -1.19 48.44 -38.76
CA ASP B 7 -1.72 49.31 -39.80
C ASP B 7 -0.92 49.27 -41.10
N ALA B 8 0.38 48.98 -41.00
CA ALA B 8 1.23 48.91 -42.17
C ALA B 8 1.10 47.57 -42.90
N LEU B 9 0.45 46.61 -42.26
CA LEU B 9 0.29 45.29 -42.87
C LEU B 9 -0.83 45.24 -43.91
N PRO B 10 -0.65 44.44 -44.97
CA PRO B 10 -1.68 44.34 -46.00
C PRO B 10 -2.89 43.58 -45.47
N ARG B 11 -4.06 43.87 -46.04
CA ARG B 11 -5.30 43.21 -45.64
C ARG B 11 -5.46 41.90 -46.40
N LEU B 12 -6.09 40.92 -45.77
CA LEU B 12 -6.31 39.62 -46.40
C LEU B 12 -7.07 39.81 -47.71
N PRO B 13 -6.50 39.32 -48.82
CA PRO B 13 -7.15 39.47 -50.11
C PRO B 13 -8.18 38.39 -50.40
N VAL B 14 -8.95 38.61 -51.46
CA VAL B 14 -9.94 37.66 -51.92
C VAL B 14 -9.47 37.30 -53.32
N PRO B 15 -8.95 36.08 -53.49
CA PRO B 15 -8.45 35.61 -54.80
C PRO B 15 -9.53 35.71 -55.87
N PRO B 16 -9.13 35.82 -57.14
CA PRO B 16 -10.11 35.90 -58.23
C PRO B 16 -10.87 34.57 -58.20
N LEU B 17 -12.15 34.61 -58.53
CA LEU B 17 -12.97 33.41 -58.55
C LEU B 17 -12.38 32.34 -59.45
N GLN B 18 -12.08 32.69 -60.69
CA GLN B 18 -11.55 31.71 -61.64
C GLN B 18 -10.23 31.09 -61.22
N GLN B 19 -9.38 31.92 -60.63
CA GLN B 19 -8.08 31.48 -60.17
C GLN B 19 -8.22 30.36 -59.15
N SER B 20 -9.02 30.59 -58.10
CA SER B 20 -9.21 29.57 -57.06
C SER B 20 -9.91 28.34 -57.56
N LEU B 21 -10.88 28.51 -58.46
CA LEU B 21 -11.61 27.38 -59.01
C LEU B 21 -10.64 26.53 -59.85
N ASP B 22 -9.74 27.18 -60.57
CA ASP B 22 -8.76 26.47 -61.39
C ASP B 22 -7.85 25.61 -60.49
N TYR B 23 -7.34 26.18 -59.40
CA TYR B 23 -6.47 25.42 -58.50
C TYR B 23 -7.23 24.28 -57.87
N TYR B 24 -8.50 24.54 -57.57
CA TYR B 24 -9.35 23.53 -56.97
C TYR B 24 -9.41 22.29 -57.86
N LEU B 25 -9.75 22.47 -59.13
CA LEU B 25 -9.82 21.35 -60.08
C LEU B 25 -8.52 20.58 -60.19
N LYS B 26 -7.39 21.27 -60.16
CA LYS B 26 -6.10 20.61 -60.24
C LYS B 26 -5.82 19.78 -58.99
N ALA B 27 -6.20 20.32 -57.83
CA ALA B 27 -5.98 19.63 -56.56
C ALA B 27 -6.91 18.43 -56.39
N LEU B 28 -8.01 18.42 -57.12
CA LEU B 28 -8.95 17.29 -57.04
C LEU B 28 -8.53 16.09 -57.87
N GLN B 29 -7.87 16.34 -58.97
CA GLN B 29 -7.46 15.27 -59.88
C GLN B 29 -6.90 14.00 -59.25
N PRO B 30 -5.94 14.14 -58.32
CA PRO B 30 -5.38 12.95 -57.68
C PRO B 30 -6.21 12.27 -56.62
N ILE B 31 -7.31 12.92 -56.19
CA ILE B 31 -8.10 12.31 -55.13
C ILE B 31 -9.55 11.99 -55.46
N VAL B 32 -9.95 12.18 -56.71
CA VAL B 32 -11.33 11.85 -57.10
C VAL B 32 -11.30 11.05 -58.38
N SER B 33 -12.34 10.25 -58.62
CA SER B 33 -12.43 9.44 -59.83
C SER B 33 -12.56 10.34 -61.04
N GLU B 34 -12.33 9.78 -62.22
CA GLU B 34 -12.43 10.55 -63.46
C GLU B 34 -13.85 11.05 -63.67
N GLU B 35 -14.83 10.24 -63.29
CA GLU B 35 -16.23 10.61 -63.44
C GLU B 35 -16.58 11.76 -62.50
N GLU B 36 -16.11 11.67 -61.26
CA GLU B 36 -16.40 12.71 -60.29
C GLU B 36 -15.74 14.03 -60.67
N TRP B 37 -14.55 13.96 -61.25
CA TRP B 37 -13.83 15.16 -61.67
C TRP B 37 -14.53 15.83 -62.84
N ALA B 38 -14.87 15.03 -63.85
CA ALA B 38 -15.57 15.55 -65.03
C ALA B 38 -16.85 16.27 -64.59
N HIS B 39 -17.61 15.66 -63.70
CA HIS B 39 -18.84 16.27 -63.20
C HIS B 39 -18.50 17.57 -62.49
N THR B 40 -17.58 17.52 -61.53
CA THR B 40 -17.16 18.71 -60.80
C THR B 40 -16.71 19.81 -61.74
N LYS B 41 -16.06 19.42 -62.84
CA LYS B 41 -15.62 20.40 -63.83
C LYS B 41 -16.83 21.12 -64.41
N GLN B 42 -17.90 20.37 -64.64
CA GLN B 42 -19.11 20.97 -65.17
C GLN B 42 -19.74 21.92 -64.15
N LEU B 43 -19.77 21.51 -62.89
CA LEU B 43 -20.32 22.35 -61.84
C LEU B 43 -19.50 23.63 -61.70
N VAL B 44 -18.20 23.54 -61.92
CA VAL B 44 -17.33 24.70 -61.82
C VAL B 44 -17.64 25.71 -62.92
N ASP B 45 -17.77 25.22 -64.14
CA ASP B 45 -18.08 26.10 -65.28
C ASP B 45 -19.43 26.78 -65.03
N GLU B 46 -20.38 26.04 -64.49
CA GLU B 46 -21.70 26.60 -64.24
C GLU B 46 -21.67 27.58 -63.07
N PHE B 47 -20.84 27.29 -62.07
CA PHE B 47 -20.72 28.13 -60.88
C PHE B 47 -20.24 29.54 -61.20
N GLN B 48 -19.32 29.67 -62.15
CA GLN B 48 -18.78 30.98 -62.49
C GLN B 48 -19.28 31.56 -63.81
N THR B 49 -20.31 30.97 -64.38
CA THR B 49 -20.84 31.49 -65.65
C THR B 49 -21.50 32.87 -65.42
N SER B 50 -21.61 33.65 -66.48
CA SER B 50 -22.23 34.98 -66.38
C SER B 50 -23.62 34.92 -65.80
N GLY B 51 -23.86 35.73 -64.77
CA GLY B 51 -25.16 35.76 -64.14
C GLY B 51 -25.38 34.57 -63.21
N GLY B 52 -24.29 33.88 -62.88
CA GLY B 52 -24.41 32.70 -62.03
C GLY B 52 -24.33 32.98 -60.54
N VAL B 53 -24.29 31.91 -59.76
CA VAL B 53 -24.21 32.00 -58.31
C VAL B 53 -22.84 32.46 -57.82
N GLY B 54 -21.77 31.81 -58.30
CA GLY B 54 -20.43 32.17 -57.85
C GLY B 54 -20.10 33.63 -58.01
N GLU B 55 -20.48 34.17 -59.16
CA GLU B 55 -20.22 35.57 -59.47
C GLU B 55 -20.80 36.48 -58.38
N ARG B 56 -22.03 36.20 -57.95
CA ARG B 56 -22.65 37.01 -56.91
C ARG B 56 -21.97 36.78 -55.57
N LEU B 57 -21.66 35.53 -55.25
CA LEU B 57 -21.01 35.23 -53.99
C LEU B 57 -19.64 35.91 -53.89
N GLN B 58 -18.90 35.93 -54.99
CA GLN B 58 -17.58 36.55 -55.02
C GLN B 58 -17.72 38.04 -54.72
N LYS B 59 -18.73 38.65 -55.33
CA LYS B 59 -18.99 40.06 -55.12
C LYS B 59 -19.21 40.33 -53.64
N GLY B 60 -19.96 39.43 -53.00
CA GLY B 60 -20.25 39.58 -51.59
C GLY B 60 -19.02 39.53 -50.73
N LEU B 61 -18.07 38.67 -51.11
CA LEU B 61 -16.84 38.55 -50.35
C LEU B 61 -15.99 39.80 -50.51
N GLU B 62 -15.94 40.34 -51.73
CA GLU B 62 -15.13 41.52 -51.98
C GLU B 62 -15.70 42.70 -51.20
N ARG B 63 -17.03 42.71 -51.04
CA ARG B 63 -17.66 43.76 -50.28
C ARG B 63 -17.33 43.54 -48.80
N ARG B 64 -17.30 42.28 -48.40
CA ARG B 64 -17.01 41.95 -47.01
C ARG B 64 -15.60 42.42 -46.63
N ALA B 65 -14.67 42.30 -47.56
CA ALA B 65 -13.29 42.72 -47.31
C ALA B 65 -13.20 44.24 -47.22
N LYS B 66 -14.18 44.94 -47.77
CA LYS B 66 -14.19 46.41 -47.74
C LYS B 66 -14.79 46.94 -46.44
N LYS B 67 -15.47 46.08 -45.70
CA LYS B 67 -16.08 46.55 -44.46
C LYS B 67 -15.57 45.86 -43.20
N MET B 68 -14.48 45.11 -43.33
CA MET B 68 -13.87 44.41 -42.22
C MET B 68 -12.36 44.48 -42.34
N GLU B 69 -11.65 44.41 -41.22
CA GLU B 69 -10.20 44.46 -41.27
C GLU B 69 -9.67 43.19 -41.93
N ASN B 70 -10.34 42.08 -41.67
CA ASN B 70 -9.98 40.76 -42.23
C ASN B 70 -11.29 40.05 -42.53
N TRP B 71 -11.61 39.87 -43.80
CA TRP B 71 -12.88 39.24 -44.16
C TRP B 71 -13.09 37.81 -43.66
N LEU B 72 -12.00 37.13 -43.33
CA LEU B 72 -12.07 35.74 -42.88
C LEU B 72 -12.00 35.50 -41.37
N SER B 73 -11.34 36.41 -40.65
CA SER B 73 -11.13 36.29 -39.20
C SER B 73 -12.28 35.71 -38.37
N GLU B 74 -13.39 36.43 -38.31
CA GLU B 74 -14.51 35.98 -37.51
C GLU B 74 -15.08 34.65 -38.02
N TRP B 75 -15.25 34.52 -39.33
CA TRP B 75 -15.77 33.27 -39.89
C TRP B 75 -14.92 32.06 -39.51
N TRP B 76 -13.60 32.18 -39.64
CA TRP B 76 -12.71 31.06 -39.31
C TRP B 76 -12.78 30.66 -37.84
N LEU B 77 -12.63 31.64 -36.96
CA LEU B 77 -12.67 31.41 -35.52
C LEU B 77 -13.96 30.69 -35.12
N LYS B 78 -15.06 31.14 -35.69
CA LYS B 78 -16.36 30.56 -35.40
C LYS B 78 -16.52 29.13 -35.94
N THR B 79 -16.25 28.94 -37.23
CA THR B 79 -16.43 27.65 -37.87
C THR B 79 -15.42 26.58 -37.44
N ALA B 80 -14.15 26.97 -37.32
CA ALA B 80 -13.12 26.03 -36.94
C ALA B 80 -13.06 25.70 -35.45
N TYR B 81 -13.48 26.62 -34.59
CA TYR B 81 -13.39 26.37 -33.15
C TYR B 81 -14.62 26.66 -32.31
N LEU B 82 -15.07 27.91 -32.30
CA LEU B 82 -16.20 28.28 -31.46
C LEU B 82 -17.43 27.41 -31.67
N GLN B 83 -17.72 27.07 -32.91
CA GLN B 83 -18.87 26.23 -33.22
C GLN B 83 -18.54 24.73 -33.23
N PHE B 84 -17.27 24.39 -33.02
CA PHE B 84 -16.85 22.99 -32.97
C PHE B 84 -17.25 22.49 -31.59
N ARG B 85 -18.24 21.60 -31.56
CA ARG B 85 -18.76 21.09 -30.29
C ARG B 85 -18.07 19.87 -29.70
N GLN B 86 -17.16 19.28 -30.46
CA GLN B 86 -16.44 18.13 -29.94
C GLN B 86 -15.55 18.63 -28.80
N PRO B 87 -15.13 17.72 -27.91
CA PRO B 87 -14.27 18.09 -26.78
C PRO B 87 -13.03 18.77 -27.32
N VAL B 88 -12.53 19.79 -26.63
CA VAL B 88 -11.33 20.46 -27.10
C VAL B 88 -10.13 19.55 -26.91
N VAL B 89 -10.22 18.67 -25.93
CA VAL B 89 -9.13 17.75 -25.66
C VAL B 89 -8.94 16.76 -26.83
N ILE B 90 -7.71 16.63 -27.30
CA ILE B 90 -7.36 15.74 -28.41
C ILE B 90 -7.83 16.23 -29.77
N TYR B 91 -9.11 16.57 -29.85
CA TYR B 91 -9.73 17.02 -31.09
C TYR B 91 -9.42 18.45 -31.49
N SER B 92 -8.99 19.28 -30.54
CA SER B 92 -8.73 20.68 -30.86
C SER B 92 -7.43 21.25 -30.29
N SER B 93 -7.27 21.17 -28.98
CA SER B 93 -6.12 21.70 -28.28
C SER B 93 -4.83 20.94 -28.60
N PRO B 94 -3.90 21.59 -29.32
CA PRO B 94 -2.64 20.88 -29.66
C PRO B 94 -1.75 20.72 -28.43
N GLY B 95 -1.06 19.58 -28.38
CA GLY B 95 -0.18 19.33 -27.26
C GLY B 95 1.26 19.57 -27.69
N VAL B 96 2.13 19.80 -26.71
CA VAL B 96 3.53 20.03 -27.02
C VAL B 96 4.41 19.29 -26.01
N ILE B 97 5.35 18.52 -26.51
CA ILE B 97 6.26 17.78 -25.64
C ILE B 97 7.60 18.53 -25.71
N LEU B 98 8.10 18.96 -24.56
CA LEU B 98 9.36 19.69 -24.50
C LEU B 98 10.49 18.75 -24.06
N PRO B 99 11.75 19.21 -24.15
CA PRO B 99 12.90 18.39 -23.74
C PRO B 99 12.78 18.02 -22.27
N LYS B 100 13.05 16.77 -21.93
CA LYS B 100 12.97 16.31 -20.56
C LYS B 100 14.03 16.99 -19.69
N GLN B 101 13.64 17.45 -18.51
CA GLN B 101 14.57 18.12 -17.60
C GLN B 101 15.32 17.11 -16.77
N ASP B 102 16.33 17.57 -16.03
CA ASP B 102 17.14 16.68 -15.24
C ASP B 102 16.79 16.53 -13.75
N PHE B 103 15.81 17.28 -13.26
CA PHE B 103 15.48 17.17 -11.84
C PHE B 103 15.00 15.77 -11.50
N VAL B 104 15.37 15.28 -10.32
CA VAL B 104 14.98 13.95 -9.90
C VAL B 104 14.25 13.91 -8.57
N ASP B 105 14.01 15.09 -8.01
CA ASP B 105 13.31 15.20 -6.73
C ASP B 105 12.32 16.37 -6.75
N LEU B 106 11.47 16.42 -5.74
CA LEU B 106 10.45 17.47 -5.63
C LEU B 106 11.05 18.86 -5.70
N GLN B 107 12.16 19.09 -5.00
CA GLN B 107 12.81 20.39 -5.03
C GLN B 107 13.19 20.79 -6.44
N GLY B 108 13.67 19.81 -7.22
CA GLY B 108 14.06 20.10 -8.58
C GLY B 108 12.86 20.36 -9.47
N GLN B 109 11.78 19.61 -9.25
CA GLN B 109 10.58 19.81 -10.06
C GLN B 109 10.05 21.22 -9.85
N LEU B 110 10.01 21.67 -8.59
CA LEU B 110 9.50 23.00 -8.29
C LEU B 110 10.46 24.07 -8.77
N ARG B 111 11.75 23.81 -8.65
CA ARG B 111 12.74 24.76 -9.11
C ARG B 111 12.55 25.06 -10.59
N PHE B 112 12.44 24.01 -11.41
CA PHE B 112 12.25 24.20 -12.85
C PHE B 112 10.93 24.91 -13.13
N ALA B 113 9.88 24.51 -12.42
CA ALA B 113 8.57 25.13 -12.60
C ALA B 113 8.67 26.62 -12.30
N ALA B 114 9.43 26.97 -11.27
CA ALA B 114 9.60 28.38 -10.89
C ALA B 114 10.34 29.15 -12.00
N LYS B 115 11.38 28.55 -12.57
CA LYS B 115 12.12 29.21 -13.64
C LYS B 115 11.29 29.34 -14.90
N LEU B 116 10.48 28.33 -15.17
CA LEU B 116 9.61 28.34 -16.35
C LEU B 116 8.62 29.50 -16.21
N ILE B 117 8.04 29.63 -15.03
CA ILE B 117 7.09 30.72 -14.78
C ILE B 117 7.80 32.04 -15.04
N GLU B 118 9.03 32.17 -14.49
CA GLU B 118 9.78 33.39 -14.65
C GLU B 118 10.04 33.68 -16.12
N GLY B 119 10.31 32.65 -16.90
CA GLY B 119 10.57 32.85 -18.31
C GLY B 119 9.33 33.34 -19.04
N VAL B 120 8.16 32.86 -18.65
CA VAL B 120 6.95 33.33 -19.32
C VAL B 120 6.75 34.81 -19.02
N LEU B 121 7.03 35.22 -17.78
CA LEU B 121 6.86 36.62 -17.41
C LEU B 121 7.80 37.51 -18.22
N ASP B 122 9.04 37.05 -18.40
CA ASP B 122 10.02 37.80 -19.17
C ASP B 122 9.50 38.02 -20.59
N PHE B 123 8.93 36.98 -21.19
CA PHE B 123 8.39 37.10 -22.53
C PHE B 123 7.17 38.02 -22.51
N LYS B 124 6.40 37.96 -21.44
CA LYS B 124 5.21 38.79 -21.32
C LYS B 124 5.54 40.28 -21.24
N SER B 125 6.66 40.62 -20.60
CA SER B 125 7.05 42.02 -20.49
C SER B 125 7.14 42.65 -21.86
N MET B 126 7.56 41.87 -22.86
CA MET B 126 7.68 42.38 -24.23
C MET B 126 6.31 42.57 -24.85
N ILE B 127 5.37 41.70 -24.47
CA ILE B 127 4.01 41.82 -24.98
C ILE B 127 3.36 43.05 -24.36
N ASP B 128 3.52 43.24 -23.05
CA ASP B 128 2.93 44.39 -22.39
C ASP B 128 3.56 45.70 -22.83
N ASN B 129 4.85 45.67 -23.13
CA ASN B 129 5.56 46.88 -23.56
C ASN B 129 5.53 47.04 -25.07
N GLU B 130 4.89 46.10 -25.75
CA GLU B 130 4.80 46.13 -27.21
C GLU B 130 6.19 46.30 -27.84
N THR B 131 7.17 45.58 -27.31
CA THR B 131 8.53 45.64 -27.83
C THR B 131 8.93 44.31 -28.45
N LEU B 132 7.95 43.42 -28.60
CA LEU B 132 8.21 42.12 -29.19
C LEU B 132 8.77 42.32 -30.61
N PRO B 133 9.96 41.78 -30.88
CA PRO B 133 10.63 41.87 -32.18
C PRO B 133 9.72 41.52 -33.35
N VAL B 134 9.88 42.24 -34.44
CA VAL B 134 9.10 42.01 -35.66
C VAL B 134 9.54 40.71 -36.35
N GLU B 135 8.57 39.88 -36.71
CA GLU B 135 8.87 38.62 -37.37
C GLU B 135 8.58 38.69 -38.87
N PHE B 136 9.29 37.87 -39.64
CA PHE B 136 9.10 37.82 -41.08
C PHE B 136 8.94 36.37 -41.54
N LEU B 137 8.26 36.16 -42.65
CA LEU B 137 8.05 34.81 -43.16
C LEU B 137 8.80 34.66 -44.48
N GLY B 138 8.58 35.59 -45.39
CA GLY B 138 9.26 35.54 -46.67
C GLY B 138 9.75 36.92 -47.04
N GLY B 139 10.47 37.56 -46.11
CA GLY B 139 10.97 38.90 -46.35
C GLY B 139 9.87 39.91 -46.05
N GLN B 140 8.71 39.42 -45.65
CA GLN B 140 7.57 40.27 -45.34
C GLN B 140 7.26 40.28 -43.83
N PRO B 141 6.91 41.44 -43.28
CA PRO B 141 6.58 41.55 -41.85
C PRO B 141 5.32 40.74 -41.56
N LEU B 142 5.23 40.21 -40.34
CA LEU B 142 4.09 39.40 -39.94
C LEU B 142 3.24 39.99 -38.82
N CYS B 143 1.96 39.67 -38.87
CA CYS B 143 0.98 40.09 -37.90
C CYS B 143 1.39 39.57 -36.52
N MET B 144 1.25 40.40 -35.50
CA MET B 144 1.63 40.01 -34.14
C MET B 144 0.42 39.90 -33.22
N ASN B 145 -0.77 40.04 -33.80
CA ASN B 145 -1.99 39.98 -33.01
C ASN B 145 -2.12 38.76 -32.09
N GLN B 146 -1.72 37.60 -32.60
CA GLN B 146 -1.83 36.38 -31.83
C GLN B 146 -1.12 36.44 -30.47
N TYR B 147 -0.04 37.20 -30.39
CA TYR B 147 0.70 37.31 -29.13
C TYR B 147 -0.15 37.98 -28.04
N TYR B 148 -1.15 38.75 -28.45
CA TYR B 148 -2.03 39.43 -27.52
C TYR B 148 -3.33 38.69 -27.28
N GLN B 149 -3.29 37.36 -27.40
CA GLN B 149 -4.47 36.55 -27.19
C GLN B 149 -4.16 35.32 -26.33
N ILE B 150 -2.88 34.96 -26.25
CA ILE B 150 -2.50 33.76 -25.51
C ILE B 150 -2.45 33.86 -24.00
N LEU B 151 -2.04 35.02 -23.48
CA LEU B 151 -1.95 35.21 -22.04
C LEU B 151 -3.20 35.82 -21.48
N SER B 152 -3.46 35.53 -20.20
CA SER B 152 -4.61 36.08 -19.50
C SER B 152 -5.88 35.96 -20.31
N SER B 153 -6.09 34.80 -20.92
CA SER B 153 -7.29 34.60 -21.72
C SER B 153 -7.87 33.24 -21.40
N CYS B 154 -9.09 32.99 -21.84
CA CYS B 154 -9.74 31.71 -21.58
C CYS B 154 -10.97 31.50 -22.44
N ARG B 155 -11.23 30.24 -22.78
CA ARG B 155 -12.40 29.91 -23.58
C ARG B 155 -13.55 29.73 -22.59
N VAL B 156 -14.75 30.12 -22.99
CA VAL B 156 -15.94 30.02 -22.15
C VAL B 156 -17.00 29.17 -22.85
N PRO B 157 -17.47 28.11 -22.17
CA PRO B 157 -18.48 27.20 -22.71
C PRO B 157 -19.81 27.93 -22.93
N GLY B 158 -20.38 27.79 -24.11
CA GLY B 158 -21.66 28.41 -24.42
C GLY B 158 -22.63 27.34 -24.89
N PRO B 159 -23.94 27.47 -24.60
CA PRO B 159 -24.93 26.47 -25.02
C PRO B 159 -25.05 26.28 -26.53
N LYS B 160 -24.76 27.33 -27.30
CA LYS B 160 -24.83 27.26 -28.75
C LYS B 160 -23.44 27.23 -29.35
N GLN B 161 -22.62 28.19 -28.93
CA GLN B 161 -21.24 28.29 -29.38
C GLN B 161 -20.41 28.90 -28.25
N ASP B 162 -19.12 28.61 -28.25
CA ASP B 162 -18.26 29.11 -27.19
C ASP B 162 -17.81 30.54 -27.44
N SER B 163 -17.14 31.11 -26.44
CA SER B 163 -16.64 32.46 -26.56
C SER B 163 -15.30 32.48 -25.86
N VAL B 164 -14.59 33.58 -25.99
CA VAL B 164 -13.27 33.72 -25.36
C VAL B 164 -13.17 35.04 -24.58
N VAL B 165 -12.56 35.00 -23.40
CA VAL B 165 -12.36 36.19 -22.59
C VAL B 165 -10.88 36.51 -22.58
N ASN B 166 -10.55 37.80 -22.71
CA ASN B 166 -9.16 38.23 -22.73
C ASN B 166 -9.02 39.42 -21.79
N PHE B 167 -8.27 39.22 -20.69
CA PHE B 167 -8.07 40.27 -19.69
C PHE B 167 -6.71 40.95 -19.76
N LEU B 168 -5.94 40.65 -20.81
CA LEU B 168 -4.61 41.22 -20.96
C LEU B 168 -4.62 42.74 -20.82
N LYS B 169 -5.53 43.38 -21.55
CA LYS B 169 -5.65 44.84 -21.52
C LYS B 169 -6.84 45.34 -20.72
N SER B 170 -7.21 44.62 -19.65
CA SER B 170 -8.34 45.05 -18.84
C SER B 170 -7.92 46.24 -17.97
N LYS B 171 -8.88 46.86 -17.30
CA LYS B 171 -8.60 48.01 -16.43
C LYS B 171 -7.55 47.61 -15.40
N ARG B 172 -7.79 46.49 -14.72
CA ARG B 172 -6.85 45.99 -13.72
C ARG B 172 -6.35 44.62 -14.18
N PRO B 173 -5.37 44.60 -15.09
CA PRO B 173 -4.79 43.37 -15.65
C PRO B 173 -4.43 42.33 -14.60
N PRO B 174 -4.74 41.06 -14.88
CA PRO B 174 -4.42 40.00 -13.92
C PRO B 174 -2.92 39.96 -13.61
N THR B 175 -2.59 39.71 -12.35
CA THR B 175 -1.20 39.64 -11.94
C THR B 175 -0.95 38.26 -11.35
N HIS B 176 -1.90 37.34 -11.51
CA HIS B 176 -1.75 36.00 -10.98
C HIS B 176 -1.83 34.91 -12.06
N ILE B 177 -1.34 33.73 -11.72
CA ILE B 177 -1.41 32.58 -12.64
C ILE B 177 -2.15 31.56 -11.78
N THR B 178 -2.48 30.43 -12.37
CA THR B 178 -3.11 29.36 -11.62
C THR B 178 -2.13 28.19 -11.58
N VAL B 179 -2.11 27.48 -10.46
CA VAL B 179 -1.23 26.34 -10.27
C VAL B 179 -2.13 25.19 -9.85
N VAL B 180 -1.98 24.05 -10.51
CA VAL B 180 -2.79 22.88 -10.20
C VAL B 180 -1.94 21.74 -9.69
N HIS B 181 -2.27 21.22 -8.51
CA HIS B 181 -1.53 20.10 -7.93
C HIS B 181 -2.55 19.19 -7.28
N ASN B 182 -2.52 17.90 -7.65
CA ASN B 182 -3.48 16.93 -7.13
C ASN B 182 -4.93 17.40 -7.34
N TYR B 183 -5.21 17.94 -8.52
CA TYR B 183 -6.55 18.41 -8.90
C TYR B 183 -6.99 19.72 -8.22
N GLN B 184 -6.20 20.19 -7.27
CA GLN B 184 -6.51 21.43 -6.52
C GLN B 184 -5.90 22.69 -7.14
N PHE B 185 -6.76 23.68 -7.36
CA PHE B 185 -6.31 24.93 -7.96
C PHE B 185 -5.95 26.02 -6.97
N PHE B 186 -4.90 26.75 -7.31
CA PHE B 186 -4.41 27.83 -6.47
C PHE B 186 -4.18 29.09 -7.30
N GLU B 187 -4.48 30.23 -6.69
CA GLU B 187 -4.29 31.53 -7.30
C GLU B 187 -2.93 32.02 -6.78
N LEU B 188 -1.98 32.21 -7.68
CA LEU B 188 -0.65 32.69 -7.29
C LEU B 188 -0.26 34.00 -7.94
N ASP B 189 -0.06 35.04 -7.14
CA ASP B 189 0.37 36.32 -7.71
C ASP B 189 1.85 36.19 -8.07
N VAL B 190 2.20 36.60 -9.28
CA VAL B 190 3.57 36.51 -9.74
C VAL B 190 4.19 37.90 -9.97
N TYR B 191 3.53 38.90 -9.42
CA TYR B 191 3.97 40.29 -9.51
C TYR B 191 3.84 40.91 -8.12
N HIS B 192 4.83 41.70 -7.73
CA HIS B 192 4.77 42.37 -6.43
C HIS B 192 3.82 43.54 -6.60
N SER B 193 3.42 44.12 -5.46
CA SER B 193 2.52 45.26 -5.47
C SER B 193 3.09 46.41 -6.30
N ASP B 194 4.42 46.55 -6.31
CA ASP B 194 5.07 47.62 -7.06
C ASP B 194 5.10 47.35 -8.56
N GLY B 195 4.54 46.22 -8.98
CA GLY B 195 4.52 45.89 -10.38
C GLY B 195 5.67 45.01 -10.85
N THR B 196 6.75 44.95 -10.07
CA THR B 196 7.89 44.15 -10.45
C THR B 196 7.55 42.66 -10.32
N PRO B 197 8.00 41.84 -11.28
CA PRO B 197 7.71 40.40 -11.25
C PRO B 197 8.45 39.70 -10.11
N LEU B 198 7.84 38.65 -9.57
CA LEU B 198 8.49 37.86 -8.52
C LEU B 198 9.70 37.19 -9.15
N THR B 199 10.69 36.84 -8.34
CA THR B 199 11.89 36.16 -8.83
C THR B 199 11.64 34.67 -8.79
N SER B 200 12.44 33.91 -9.54
CA SER B 200 12.28 32.46 -9.56
C SER B 200 12.31 31.93 -8.14
N ASP B 201 13.24 32.45 -7.34
CA ASP B 201 13.40 32.04 -5.96
C ASP B 201 12.11 32.30 -5.17
N GLN B 202 11.52 33.46 -5.38
CA GLN B 202 10.28 33.80 -4.68
C GLN B 202 9.14 32.91 -5.17
N ILE B 203 9.11 32.63 -6.48
CA ILE B 203 8.07 31.77 -7.04
C ILE B 203 8.24 30.38 -6.45
N PHE B 204 9.48 29.94 -6.30
CA PHE B 204 9.76 28.63 -5.73
C PHE B 204 9.16 28.51 -4.33
N VAL B 205 9.42 29.52 -3.50
CA VAL B 205 8.90 29.55 -2.15
C VAL B 205 7.38 29.38 -2.16
N GLN B 206 6.72 30.09 -3.07
CA GLN B 206 5.27 30.02 -3.20
C GLN B 206 4.81 28.64 -3.65
N LEU B 207 5.53 28.04 -4.61
CA LEU B 207 5.18 26.71 -5.09
C LEU B 207 5.27 25.70 -3.96
N GLU B 208 6.26 25.84 -3.09
CA GLU B 208 6.37 24.92 -1.97
C GLU B 208 5.14 24.99 -1.10
N LYS B 209 4.65 26.20 -0.83
CA LYS B 209 3.47 26.37 0.00
C LYS B 209 2.28 25.68 -0.65
N ILE B 210 2.08 25.96 -1.93
CA ILE B 210 0.96 25.36 -2.68
C ILE B 210 1.04 23.85 -2.61
N TRP B 211 2.20 23.31 -2.94
CA TRP B 211 2.40 21.87 -2.89
C TRP B 211 2.03 21.28 -1.54
N ASN B 212 2.56 21.86 -0.47
CA ASN B 212 2.29 21.35 0.88
C ASN B 212 0.85 21.58 1.30
N SER B 213 0.14 22.43 0.57
CA SER B 213 -1.25 22.69 0.90
C SER B 213 -2.19 21.84 0.04
N SER B 214 -1.62 20.86 -0.66
CA SER B 214 -2.42 19.98 -1.49
C SER B 214 -1.75 18.62 -1.63
N LEU B 215 -1.23 18.11 -0.52
CA LEU B 215 -0.53 16.83 -0.48
C LEU B 215 -1.42 15.63 -0.74
N GLN B 216 -2.70 15.73 -0.38
CA GLN B 216 -3.61 14.63 -0.58
C GLN B 216 -4.54 14.81 -1.78
N SER B 217 -4.99 13.69 -2.32
CA SER B 217 -5.91 13.72 -3.47
C SER B 217 -7.32 13.38 -3.01
N ASN B 218 -7.79 14.10 -2.00
CA ASN B 218 -9.13 13.87 -1.47
C ASN B 218 -10.10 14.91 -2.02
N LYS B 219 -9.84 15.38 -3.23
CA LYS B 219 -10.71 16.37 -3.86
C LYS B 219 -11.14 15.91 -5.24
N GLU B 220 -12.39 16.23 -5.59
CA GLU B 220 -12.94 15.87 -6.89
C GLU B 220 -12.21 16.62 -7.99
N PRO B 221 -11.90 15.95 -9.11
CA PRO B 221 -11.19 16.57 -10.23
C PRO B 221 -12.15 17.43 -11.06
N VAL B 222 -12.58 18.55 -10.49
CA VAL B 222 -13.49 19.46 -11.18
C VAL B 222 -12.97 19.88 -12.56
N GLY B 223 -11.66 20.05 -12.67
CA GLY B 223 -11.08 20.45 -13.94
C GLY B 223 -11.35 19.51 -15.09
N ILE B 224 -11.59 18.24 -14.76
CA ILE B 224 -11.85 17.22 -15.77
C ILE B 224 -13.14 17.49 -16.53
N LEU B 225 -13.97 18.37 -15.99
CA LEU B 225 -15.22 18.71 -16.64
C LEU B 225 -14.93 19.43 -17.95
N THR B 226 -13.79 20.13 -18.01
CA THR B 226 -13.40 20.86 -19.22
C THR B 226 -12.98 20.00 -20.41
N SER B 227 -12.91 18.69 -20.21
CA SER B 227 -12.51 17.77 -21.29
C SER B 227 -13.72 17.12 -21.97
N ASN B 228 -14.93 17.46 -21.51
CA ASN B 228 -16.13 16.84 -22.08
C ASN B 228 -16.65 17.53 -23.35
N HIS B 229 -17.68 16.93 -23.96
CA HIS B 229 -18.30 17.48 -25.16
C HIS B 229 -18.74 18.90 -24.79
N ARG B 230 -18.58 19.84 -25.70
CA ARG B 230 -18.93 21.24 -25.41
C ARG B 230 -20.39 21.43 -25.04
N ASN B 231 -21.29 20.69 -25.69
CA ASN B 231 -22.70 20.80 -25.34
C ASN B 231 -22.85 20.37 -23.88
N THR B 232 -22.24 19.24 -23.52
CA THR B 232 -22.30 18.72 -22.16
C THR B 232 -21.60 19.67 -21.17
N TRP B 233 -20.40 20.09 -21.53
CA TRP B 233 -19.64 20.99 -20.66
C TRP B 233 -20.41 22.31 -20.48
N ALA B 234 -21.07 22.78 -21.53
CA ALA B 234 -21.79 24.04 -21.43
C ALA B 234 -22.84 24.01 -20.32
N LYS B 235 -23.57 22.89 -20.24
CA LYS B 235 -24.60 22.72 -19.24
C LYS B 235 -23.98 22.47 -17.87
N ALA B 236 -22.93 21.66 -17.82
CA ALA B 236 -22.30 21.35 -16.54
C ALA B 236 -21.61 22.60 -15.98
N TYR B 237 -21.10 23.42 -16.86
CA TYR B 237 -20.42 24.67 -16.48
C TYR B 237 -21.44 25.60 -15.86
N ASN B 238 -22.55 25.79 -16.57
CA ASN B 238 -23.61 26.67 -16.10
C ASN B 238 -24.06 26.29 -14.70
N ASN B 239 -24.22 24.99 -14.45
CA ASN B 239 -24.63 24.55 -13.12
C ASN B 239 -23.52 24.76 -12.10
N LEU B 240 -22.28 24.50 -12.52
CA LEU B 240 -21.12 24.65 -11.65
C LEU B 240 -21.02 26.06 -11.08
N ILE B 241 -21.16 27.06 -11.94
CA ILE B 241 -21.04 28.44 -11.49
C ILE B 241 -22.28 29.04 -10.83
N LYS B 242 -23.24 28.20 -10.44
CA LYS B 242 -24.43 28.70 -9.76
C LYS B 242 -24.04 29.07 -8.33
N ASP B 243 -23.10 28.30 -7.77
CA ASP B 243 -22.64 28.55 -6.40
C ASP B 243 -21.68 29.74 -6.41
N LYS B 244 -21.78 30.59 -5.39
CA LYS B 244 -20.93 31.77 -5.27
C LYS B 244 -19.42 31.44 -5.29
N VAL B 245 -19.00 30.52 -4.43
CA VAL B 245 -17.59 30.13 -4.36
C VAL B 245 -17.08 29.57 -5.69
N ASN B 246 -17.82 28.62 -6.25
CA ASN B 246 -17.43 28.03 -7.52
C ASN B 246 -17.21 29.10 -8.57
N ARG B 247 -18.12 30.07 -8.61
CA ARG B 247 -18.03 31.13 -9.59
C ARG B 247 -16.75 31.96 -9.44
N GLU B 248 -16.32 32.19 -8.21
CA GLU B 248 -15.11 32.95 -7.94
C GLU B 248 -13.88 32.13 -8.31
N SER B 249 -13.88 30.85 -7.94
CA SER B 249 -12.76 29.98 -8.29
C SER B 249 -12.61 29.93 -9.80
N VAL B 250 -13.71 29.68 -10.52
CA VAL B 250 -13.67 29.63 -11.98
C VAL B 250 -13.16 30.98 -12.53
N ASN B 251 -13.67 32.09 -11.97
CA ASN B 251 -13.26 33.41 -12.42
C ASN B 251 -11.74 33.62 -12.29
N SER B 252 -11.16 33.19 -11.18
CA SER B 252 -9.72 33.32 -10.98
C SER B 252 -8.96 32.55 -12.05
N ILE B 253 -9.40 31.31 -12.31
CA ILE B 253 -8.77 30.50 -13.32
C ILE B 253 -8.82 31.19 -14.68
N GLN B 254 -10.01 31.63 -15.08
CA GLN B 254 -10.19 32.28 -16.39
C GLN B 254 -9.33 33.51 -16.59
N LYS B 255 -9.12 34.27 -15.52
CA LYS B 255 -8.31 35.46 -15.60
C LYS B 255 -6.80 35.23 -15.50
N SER B 256 -6.38 34.14 -14.87
CA SER B 256 -4.94 33.89 -14.70
C SER B 256 -4.13 34.05 -16.00
N ILE B 257 -2.90 34.57 -15.88
CA ILE B 257 -2.07 34.79 -17.06
C ILE B 257 -1.90 33.46 -17.82
N PHE B 258 -1.75 32.38 -17.06
CA PHE B 258 -1.61 31.05 -17.63
C PHE B 258 -1.66 30.05 -16.49
N THR B 259 -1.76 28.77 -16.81
CA THR B 259 -1.84 27.76 -15.78
C THR B 259 -0.61 26.86 -15.75
N VAL B 260 -0.19 26.49 -14.56
CA VAL B 260 0.95 25.59 -14.40
C VAL B 260 0.43 24.33 -13.71
N CYS B 261 0.64 23.19 -14.34
CA CYS B 261 0.19 21.92 -13.80
C CYS B 261 1.35 21.12 -13.21
N LEU B 262 1.31 20.86 -11.92
CA LEU B 262 2.36 20.08 -11.26
C LEU B 262 1.83 18.65 -11.17
N ASP B 263 2.14 17.83 -12.18
CA ASP B 263 1.66 16.45 -12.25
C ASP B 263 2.25 15.48 -11.23
N LYS B 264 1.48 14.45 -10.92
CA LYS B 264 1.86 13.43 -9.96
C LYS B 264 2.58 12.28 -10.64
N GLN B 265 3.30 11.49 -9.84
CA GLN B 265 4.03 10.34 -10.37
C GLN B 265 3.06 9.38 -11.03
N VAL B 266 3.44 8.86 -12.20
CA VAL B 266 2.60 7.90 -12.91
C VAL B 266 3.33 6.56 -12.99
N PRO B 267 2.60 5.45 -13.23
CA PRO B 267 3.21 4.14 -13.33
C PRO B 267 4.32 4.07 -14.37
N ARG B 268 5.33 3.26 -14.10
CA ARG B 268 6.47 3.08 -15.01
C ARG B 268 5.99 2.26 -16.20
N VAL B 269 6.53 2.56 -17.38
CA VAL B 269 6.14 1.84 -18.59
C VAL B 269 7.39 1.50 -19.39
N SER B 270 7.24 0.54 -20.30
CA SER B 270 8.36 0.12 -21.15
C SER B 270 8.95 1.31 -21.89
N ASP B 271 10.27 1.34 -21.97
CA ASP B 271 10.98 2.43 -22.63
C ASP B 271 10.52 2.71 -24.06
N ASP B 272 10.16 1.67 -24.80
CA ASP B 272 9.72 1.83 -26.19
C ASP B 272 8.41 2.59 -26.32
N VAL B 273 7.61 2.63 -25.25
CA VAL B 273 6.33 3.35 -25.29
C VAL B 273 6.33 4.57 -24.36
N TYR B 274 7.46 4.81 -23.71
CA TYR B 274 7.59 5.95 -22.80
C TYR B 274 7.20 7.27 -23.46
N ARG B 275 7.87 7.63 -24.55
CA ARG B 275 7.55 8.88 -25.23
C ARG B 275 6.08 8.97 -25.64
N ASN B 276 5.49 7.84 -26.05
CA ASN B 276 4.09 7.89 -26.45
C ASN B 276 3.21 8.24 -25.26
N HIS B 277 3.55 7.73 -24.08
CA HIS B 277 2.78 8.03 -22.88
C HIS B 277 2.96 9.47 -22.47
N VAL B 278 4.18 9.98 -22.57
CA VAL B 278 4.42 11.38 -22.21
C VAL B 278 3.59 12.30 -23.11
N ALA B 279 3.59 12.03 -24.43
CA ALA B 279 2.81 12.85 -25.34
C ALA B 279 1.33 12.78 -24.93
N GLY B 280 0.92 11.62 -24.42
CA GLY B 280 -0.46 11.46 -23.99
C GLY B 280 -0.73 12.32 -22.76
N GLN B 281 0.25 12.39 -21.86
CA GLN B 281 0.08 13.18 -20.65
C GLN B 281 -0.05 14.66 -20.99
N MET B 282 0.68 15.10 -22.00
CA MET B 282 0.67 16.50 -22.43
C MET B 282 -0.58 16.83 -23.22
N LEU B 283 -1.10 15.85 -23.95
CA LEU B 283 -2.30 16.08 -24.77
C LEU B 283 -3.59 15.99 -23.98
N HIS B 284 -3.76 14.92 -23.21
CA HIS B 284 -4.98 14.71 -22.46
C HIS B 284 -4.84 14.41 -20.98
N GLY B 285 -3.62 14.19 -20.51
CA GLY B 285 -3.45 13.94 -19.09
C GLY B 285 -3.29 12.51 -18.65
N GLY B 286 -3.65 11.59 -19.54
CA GLY B 286 -3.51 10.19 -19.21
C GLY B 286 -4.77 9.53 -18.67
N GLY B 287 -5.68 10.32 -18.09
CA GLY B 287 -6.90 9.74 -17.56
C GLY B 287 -7.25 10.26 -16.18
N SER B 288 -8.48 10.00 -15.73
CA SER B 288 -8.94 10.47 -14.43
C SER B 288 -8.17 9.87 -13.27
N LYS B 289 -7.38 8.85 -13.56
CA LYS B 289 -6.60 8.21 -12.51
C LYS B 289 -5.17 8.73 -12.51
N PHE B 290 -4.82 9.57 -13.47
CA PHE B 290 -3.47 10.11 -13.56
C PHE B 290 -3.38 11.61 -13.38
N ASN B 291 -3.41 12.34 -14.49
CA ASN B 291 -3.30 13.79 -14.42
C ASN B 291 -4.33 14.57 -15.24
N SER B 292 -5.33 13.89 -15.79
CA SER B 292 -6.35 14.58 -16.56
C SER B 292 -7.17 15.55 -15.70
N GLY B 293 -7.29 15.24 -14.41
CA GLY B 293 -8.05 16.12 -13.54
C GLY B 293 -7.20 17.28 -13.07
N ASN B 294 -5.89 17.18 -13.30
CA ASN B 294 -4.96 18.24 -12.89
C ASN B 294 -4.83 19.22 -14.04
N ARG B 295 -5.98 19.58 -14.62
CA ARG B 295 -6.01 20.48 -15.77
C ARG B 295 -7.28 21.32 -15.86
N TRP B 296 -7.25 22.30 -16.76
CA TRP B 296 -8.42 23.13 -17.03
C TRP B 296 -8.27 23.44 -18.52
N PHE B 297 -8.82 22.55 -19.35
CA PHE B 297 -8.68 22.67 -20.80
C PHE B 297 -9.26 23.87 -21.53
N ASP B 298 -10.04 24.69 -20.82
CA ASP B 298 -10.55 25.89 -21.44
C ASP B 298 -9.43 26.95 -21.42
N LYS B 299 -8.47 26.76 -20.52
CA LYS B 299 -7.35 27.70 -20.39
C LYS B 299 -6.48 27.73 -21.63
N THR B 300 -6.20 28.93 -22.17
CA THR B 300 -5.39 29.05 -23.37
C THR B 300 -3.99 28.46 -23.24
N LEU B 301 -3.28 28.82 -22.18
CA LEU B 301 -1.93 28.32 -21.98
C LEU B 301 -1.78 27.48 -20.72
N GLN B 302 -1.44 26.20 -20.90
CA GLN B 302 -1.22 25.32 -19.76
C GLN B 302 0.14 24.68 -19.88
N PHE B 303 1.01 24.95 -18.90
CA PHE B 303 2.33 24.34 -18.90
C PHE B 303 2.28 23.18 -17.92
N ILE B 304 2.90 22.07 -18.31
CA ILE B 304 2.86 20.87 -17.49
C ILE B 304 4.27 20.47 -17.05
N VAL B 305 4.43 20.20 -15.76
CA VAL B 305 5.73 19.77 -15.24
C VAL B 305 5.52 18.44 -14.54
N ALA B 306 5.97 17.37 -15.19
CA ALA B 306 5.83 16.02 -14.66
C ALA B 306 6.76 15.72 -13.51
N GLU B 307 6.41 14.68 -12.76
CA GLU B 307 7.21 14.28 -11.62
C GLU B 307 8.55 13.65 -12.04
N ASP B 308 8.56 12.90 -13.14
CA ASP B 308 9.79 12.24 -13.60
C ASP B 308 10.73 13.11 -14.40
N GLY B 309 10.43 14.40 -14.49
CA GLY B 309 11.30 15.30 -15.22
C GLY B 309 10.72 15.73 -16.55
N SER B 310 9.71 15.01 -17.04
CA SER B 310 9.10 15.35 -18.31
C SER B 310 8.32 16.67 -18.18
N CYS B 311 8.16 17.35 -19.30
CA CYS B 311 7.43 18.59 -19.29
C CYS B 311 6.94 18.93 -20.68
N GLY B 312 5.92 19.77 -20.73
CA GLY B 312 5.37 20.17 -22.02
C GLY B 312 4.23 21.16 -21.80
N MET B 313 3.31 21.20 -22.75
CA MET B 313 2.17 22.11 -22.64
C MET B 313 1.02 21.73 -23.57
N VAL B 314 -0.12 22.36 -23.35
CA VAL B 314 -1.30 22.14 -24.17
C VAL B 314 -1.99 23.50 -24.24
N TYR B 315 -2.41 23.93 -25.43
CA TYR B 315 -3.04 25.22 -25.56
C TYR B 315 -4.38 25.16 -26.30
N GLU B 316 -5.30 26.04 -25.90
CA GLU B 316 -6.62 26.12 -26.51
C GLU B 316 -6.45 26.84 -27.84
N HIS B 317 -6.78 26.14 -28.91
CA HIS B 317 -6.59 26.65 -30.28
C HIS B 317 -7.31 27.91 -30.72
N ALA B 318 -8.43 28.22 -30.10
CA ALA B 318 -9.17 29.40 -30.48
C ALA B 318 -8.29 30.65 -30.42
N ALA B 319 -7.34 30.67 -29.48
CA ALA B 319 -6.44 31.80 -29.29
C ALA B 319 -5.47 32.05 -30.45
N ALA B 320 -4.47 31.20 -30.60
CA ALA B 320 -3.51 31.40 -31.68
C ALA B 320 -3.05 30.11 -32.34
N GLU B 321 -2.03 30.25 -33.19
CA GLU B 321 -1.48 29.12 -33.93
C GLU B 321 -0.21 28.62 -33.25
N GLY B 322 0.46 27.69 -33.93
CA GLY B 322 1.67 27.11 -33.41
C GLY B 322 2.86 28.05 -33.33
N PRO B 323 3.28 28.66 -34.45
CA PRO B 323 4.42 29.58 -34.43
C PRO B 323 4.45 30.54 -33.23
N PRO B 324 3.36 31.30 -33.01
CA PRO B 324 3.36 32.22 -31.87
C PRO B 324 3.67 31.49 -30.56
N ILE B 325 3.07 30.31 -30.37
CA ILE B 325 3.27 29.51 -29.19
C ILE B 325 4.72 29.05 -29.08
N VAL B 326 5.28 28.58 -30.19
CA VAL B 326 6.66 28.09 -30.20
C VAL B 326 7.65 29.21 -29.90
N ALA B 327 7.33 30.42 -30.32
CA ALA B 327 8.21 31.55 -30.05
C ALA B 327 8.33 31.72 -28.54
N LEU B 328 7.20 31.61 -27.85
CA LEU B 328 7.18 31.76 -26.40
C LEU B 328 7.92 30.60 -25.77
N VAL B 329 7.68 29.40 -26.29
CA VAL B 329 8.33 28.21 -25.76
C VAL B 329 9.84 28.33 -25.90
N ASP B 330 10.32 28.71 -27.07
CA ASP B 330 11.76 28.84 -27.29
C ASP B 330 12.35 29.85 -26.33
N HIS B 331 11.60 30.92 -26.07
CA HIS B 331 12.05 31.96 -25.14
C HIS B 331 12.12 31.43 -23.72
N VAL B 332 11.03 30.83 -23.28
CA VAL B 332 10.98 30.27 -21.93
C VAL B 332 12.06 29.21 -21.70
N MET B 333 12.16 28.26 -22.63
CA MET B 333 13.16 27.20 -22.47
C MET B 333 14.57 27.77 -22.40
N GLU B 334 14.87 28.75 -23.25
CA GLU B 334 16.19 29.34 -23.26
C GLU B 334 16.45 30.06 -21.93
N TYR B 335 15.38 30.64 -21.37
CA TYR B 335 15.46 31.36 -20.10
C TYR B 335 15.78 30.41 -18.95
N THR B 336 15.19 29.22 -18.98
CA THR B 336 15.44 28.23 -17.93
C THR B 336 16.89 27.77 -18.00
N LYS B 337 17.54 28.08 -19.11
CA LYS B 337 18.94 27.71 -19.31
C LYS B 337 19.88 28.85 -18.94
N LYS B 338 19.37 30.08 -18.97
CA LYS B 338 20.18 31.25 -18.62
C LYS B 338 20.68 31.12 -17.18
N PRO B 339 21.94 31.53 -16.94
CA PRO B 339 22.57 31.48 -15.62
C PRO B 339 21.74 32.11 -14.50
N GLU B 340 21.71 31.41 -13.37
CA GLU B 340 20.98 31.89 -12.20
C GLU B 340 21.93 32.68 -11.32
N LEU B 341 22.46 33.76 -11.89
CA LEU B 341 23.39 34.63 -11.18
C LEU B 341 22.63 35.85 -10.66
N VAL B 342 21.64 36.29 -11.44
CA VAL B 342 20.82 37.44 -11.07
C VAL B 342 19.84 37.06 -9.96
N ARG B 343 20.39 36.77 -8.78
CA ARG B 343 19.60 36.40 -7.61
C ARG B 343 19.22 37.66 -6.84
N SER B 344 17.94 37.80 -6.51
CA SER B 344 17.48 38.97 -5.76
C SER B 344 17.12 38.57 -4.33
N PRO B 345 17.09 39.54 -3.40
CA PRO B 345 16.75 39.27 -2.00
C PRO B 345 15.27 38.97 -1.80
N MET B 346 15.00 37.88 -1.10
CA MET B 346 13.64 37.44 -0.81
C MET B 346 12.91 38.46 0.06
N VAL B 347 11.58 38.46 -0.02
CA VAL B 347 10.78 39.39 0.78
C VAL B 347 9.58 38.62 1.31
N PRO B 348 8.87 39.18 2.29
CA PRO B 348 7.70 38.50 2.84
C PRO B 348 6.70 38.18 1.72
N LEU B 349 6.15 36.98 1.73
CA LEU B 349 5.18 36.58 0.71
C LEU B 349 3.92 36.02 1.33
N PRO B 350 2.78 36.31 0.72
CA PRO B 350 1.49 35.82 1.24
C PRO B 350 1.26 34.35 0.90
N MET B 351 0.21 33.79 1.48
CA MET B 351 -0.14 32.41 1.23
C MET B 351 -1.02 32.33 -0.02
N PRO B 352 -0.54 31.66 -1.08
CA PRO B 352 -1.34 31.55 -2.31
C PRO B 352 -2.74 31.08 -1.93
N LYS B 353 -3.76 31.67 -2.55
CA LYS B 353 -5.15 31.32 -2.26
C LYS B 353 -5.60 30.05 -2.95
N LYS B 354 -6.11 29.08 -2.18
CA LYS B 354 -6.63 27.84 -2.75
C LYS B 354 -8.04 28.15 -3.26
N LEU B 355 -8.33 27.75 -4.48
CA LEU B 355 -9.65 27.98 -5.09
C LEU B 355 -10.54 26.76 -4.84
N ARG B 356 -11.35 26.81 -3.80
CA ARG B 356 -12.25 25.71 -3.42
C ARG B 356 -13.43 25.56 -4.38
N PHE B 357 -14.11 24.43 -4.25
CA PHE B 357 -15.28 24.12 -5.06
C PHE B 357 -16.32 23.42 -4.20
N ASN B 358 -17.57 23.89 -4.25
CA ASN B 358 -18.64 23.26 -3.49
C ASN B 358 -19.22 22.18 -4.41
N ILE B 359 -18.93 20.93 -4.11
CA ILE B 359 -19.41 19.81 -4.93
C ILE B 359 -20.75 19.26 -4.46
N THR B 360 -21.77 19.41 -5.30
CA THR B 360 -23.09 18.91 -5.00
C THR B 360 -23.24 17.53 -5.67
N PRO B 361 -24.30 16.78 -5.32
CA PRO B 361 -24.47 15.47 -5.95
C PRO B 361 -24.55 15.64 -7.48
N GLU B 362 -25.12 16.75 -7.92
CA GLU B 362 -25.25 17.04 -9.35
C GLU B 362 -23.89 17.28 -9.98
N ILE B 363 -23.04 18.05 -9.31
CA ILE B 363 -21.71 18.32 -9.84
C ILE B 363 -20.88 17.05 -9.83
N LYS B 364 -21.02 16.27 -8.77
CA LYS B 364 -20.30 15.02 -8.64
C LYS B 364 -20.64 14.09 -9.81
N ASN B 365 -21.92 14.04 -10.15
CA ASN B 365 -22.37 13.21 -11.27
C ASN B 365 -21.74 13.67 -12.58
N ASP B 366 -21.67 14.98 -12.77
CA ASP B 366 -21.09 15.54 -14.00
C ASP B 366 -19.63 15.18 -14.10
N ILE B 367 -18.94 15.21 -12.96
CA ILE B 367 -17.53 14.87 -12.91
C ILE B 367 -17.35 13.41 -13.31
N GLU B 368 -18.21 12.53 -12.81
CA GLU B 368 -18.10 11.11 -13.15
C GLU B 368 -18.40 10.88 -14.63
N LYS B 369 -19.34 11.63 -15.18
CA LYS B 369 -19.68 11.50 -16.58
C LYS B 369 -18.51 11.98 -17.41
N ALA B 370 -17.84 13.04 -16.94
CA ALA B 370 -16.69 13.57 -17.65
C ALA B 370 -15.58 12.53 -17.65
N LYS B 371 -15.42 11.83 -16.54
CA LYS B 371 -14.40 10.79 -16.42
C LYS B 371 -14.67 9.70 -17.45
N GLN B 372 -15.92 9.23 -17.50
CA GLN B 372 -16.31 8.19 -18.44
C GLN B 372 -16.08 8.61 -19.88
N ASN B 373 -16.46 9.82 -20.20
CA ASN B 373 -16.29 10.30 -21.56
C ASN B 373 -14.82 10.36 -21.97
N LEU B 374 -13.99 10.84 -21.05
CA LEU B 374 -12.57 10.98 -21.33
C LEU B 374 -11.86 9.64 -21.49
N SER B 375 -12.14 8.67 -20.64
CA SER B 375 -11.50 7.37 -20.75
C SER B 375 -11.80 6.78 -22.13
N ILE B 376 -12.99 7.02 -22.65
CA ILE B 376 -13.37 6.54 -23.97
C ILE B 376 -12.50 7.22 -25.02
N MET B 377 -12.33 8.54 -24.88
CA MET B 377 -11.53 9.30 -25.82
C MET B 377 -10.08 8.82 -25.82
N ILE B 378 -9.51 8.68 -24.63
CA ILE B 378 -8.14 8.25 -24.48
C ILE B 378 -7.93 6.83 -24.99
N GLN B 379 -8.87 5.94 -24.70
CA GLN B 379 -8.75 4.55 -25.14
C GLN B 379 -8.78 4.45 -26.65
N ASP B 380 -9.42 5.42 -27.30
CA ASP B 380 -9.51 5.41 -28.75
C ASP B 380 -8.36 6.12 -29.46
N LEU B 381 -7.55 6.84 -28.70
CA LEU B 381 -6.44 7.57 -29.30
C LEU B 381 -5.18 6.70 -29.42
N ASP B 382 -4.63 6.66 -30.62
CA ASP B 382 -3.44 5.87 -30.93
C ASP B 382 -2.32 6.84 -31.29
N ILE B 383 -1.32 6.92 -30.41
CA ILE B 383 -0.22 7.83 -30.60
C ILE B 383 1.12 7.13 -30.84
N MET B 384 1.88 7.67 -31.78
CA MET B 384 3.20 7.13 -32.06
C MET B 384 4.17 8.27 -32.24
N MET B 385 5.18 8.33 -31.38
CA MET B 385 6.19 9.37 -31.46
C MET B 385 7.38 8.82 -32.24
N LEU B 386 7.86 9.58 -33.20
CA LEU B 386 8.99 9.15 -34.04
C LEU B 386 10.09 10.19 -34.06
N THR B 387 11.29 9.78 -33.62
CA THR B 387 12.45 10.65 -33.63
C THR B 387 13.26 10.21 -34.82
N PHE B 388 13.15 10.95 -35.91
CA PHE B 388 13.87 10.65 -37.14
C PHE B 388 15.30 11.17 -37.01
N HIS B 389 16.22 10.35 -36.50
CA HIS B 389 17.62 10.76 -36.30
C HIS B 389 18.46 10.70 -37.58
N HIS B 390 17.97 9.97 -38.57
CA HIS B 390 18.70 9.79 -39.82
C HIS B 390 19.23 11.11 -40.39
N PHE B 391 18.37 12.13 -40.41
CA PHE B 391 18.76 13.44 -40.92
C PHE B 391 17.65 14.47 -40.72
N GLY B 392 17.96 15.71 -41.01
CA GLY B 392 16.97 16.77 -40.88
C GLY B 392 16.95 17.64 -42.12
N LYS B 393 16.97 18.96 -41.90
CA LYS B 393 16.96 19.92 -42.99
C LYS B 393 18.26 19.87 -43.78
N ASP B 394 19.31 19.32 -43.18
CA ASP B 394 20.59 19.25 -43.86
C ASP B 394 20.55 18.57 -45.23
N PHE B 395 20.02 17.36 -45.31
CA PHE B 395 19.99 16.66 -46.58
C PHE B 395 19.16 17.34 -47.66
N PRO B 396 17.90 17.63 -47.37
CA PRO B 396 17.06 18.30 -48.37
C PRO B 396 17.75 19.57 -48.87
N LYS B 397 18.31 20.35 -47.95
CA LYS B 397 18.97 21.58 -48.36
C LYS B 397 20.19 21.31 -49.24
N SER B 398 20.96 20.28 -48.90
CA SER B 398 22.14 19.95 -49.68
C SER B 398 21.73 19.59 -51.11
N GLU B 399 20.50 19.11 -51.26
CA GLU B 399 19.97 18.74 -52.56
C GLU B 399 19.26 19.94 -53.20
N LYS B 400 19.37 21.10 -52.55
CA LYS B 400 18.71 22.31 -53.05
C LYS B 400 17.21 22.08 -53.08
N LEU B 401 16.72 21.34 -52.09
CA LEU B 401 15.31 21.04 -51.99
C LEU B 401 14.73 21.55 -50.67
N SER B 402 13.49 22.01 -50.71
CA SER B 402 12.80 22.48 -49.52
C SER B 402 12.56 21.33 -48.55
N PRO B 403 13.08 21.45 -47.32
CA PRO B 403 12.92 20.41 -46.30
C PRO B 403 11.44 20.09 -46.03
N ASP B 404 10.61 21.13 -45.90
CA ASP B 404 9.20 20.90 -45.62
C ASP B 404 8.51 20.17 -46.79
N ALA B 405 8.78 20.63 -47.99
CA ALA B 405 8.21 20.02 -49.19
C ALA B 405 8.72 18.58 -49.30
N PHE B 406 9.99 18.39 -48.96
CA PHE B 406 10.61 17.05 -49.01
C PHE B 406 9.88 16.11 -48.06
N ILE B 407 9.61 16.61 -46.85
CA ILE B 407 8.91 15.83 -45.83
C ILE B 407 7.46 15.57 -46.26
N GLN B 408 6.81 16.57 -46.82
CA GLN B 408 5.43 16.41 -47.29
C GLN B 408 5.34 15.40 -48.45
N VAL B 409 6.30 15.45 -49.38
CA VAL B 409 6.29 14.49 -50.49
C VAL B 409 6.55 13.09 -49.93
N ALA B 410 7.47 12.98 -48.98
CA ALA B 410 7.76 11.69 -48.37
C ALA B 410 6.50 11.12 -47.71
N LEU B 411 5.72 11.98 -47.07
CA LEU B 411 4.49 11.52 -46.41
C LEU B 411 3.52 11.02 -47.47
N GLN B 412 3.42 11.70 -48.59
CA GLN B 412 2.52 11.25 -49.65
C GLN B 412 2.97 9.86 -50.15
N LEU B 413 4.28 9.65 -50.23
CA LEU B 413 4.84 8.38 -50.68
C LEU B 413 4.50 7.28 -49.68
N ALA B 414 4.64 7.60 -48.39
CA ALA B 414 4.35 6.64 -47.34
C ALA B 414 2.88 6.25 -47.39
N TYR B 415 2.00 7.23 -47.53
CA TYR B 415 0.57 6.94 -47.57
C TYR B 415 0.21 6.05 -48.76
N TYR B 416 0.73 6.38 -49.93
CA TYR B 416 0.44 5.61 -51.13
C TYR B 416 0.92 4.17 -51.00
N ARG B 417 2.10 3.98 -50.44
CA ARG B 417 2.64 2.64 -50.27
C ARG B 417 1.75 1.80 -49.39
N ILE B 418 1.04 2.45 -48.47
CA ILE B 418 0.15 1.73 -47.58
C ILE B 418 -1.26 1.52 -48.14
N TYR B 419 -1.83 2.55 -48.72
CA TYR B 419 -3.20 2.46 -49.22
C TYR B 419 -3.38 2.29 -50.72
N GLY B 420 -2.31 2.40 -51.47
CA GLY B 420 -2.41 2.21 -52.92
C GLY B 420 -3.11 3.34 -53.65
N GLN B 421 -3.29 4.48 -52.97
CA GLN B 421 -3.92 5.62 -53.60
C GLN B 421 -3.66 6.87 -52.77
N ALA B 422 -3.84 8.04 -53.36
CA ALA B 422 -3.62 9.30 -52.64
C ALA B 422 -4.86 9.68 -51.83
N CYS B 423 -4.71 10.66 -50.94
CA CYS B 423 -5.84 11.09 -50.13
C CYS B 423 -5.77 12.60 -49.89
N ALA B 424 -6.93 13.23 -49.65
CA ALA B 424 -6.98 14.66 -49.36
C ALA B 424 -6.00 14.86 -48.21
N THR B 425 -5.02 15.73 -48.40
CA THR B 425 -4.01 16.01 -47.40
C THR B 425 -4.01 17.50 -47.11
N TYR B 426 -3.96 17.81 -45.82
CA TYR B 426 -3.97 19.19 -45.32
C TYR B 426 -2.66 19.53 -44.64
N GLU B 427 -2.11 20.70 -44.97
CA GLU B 427 -0.89 21.19 -44.33
C GLU B 427 -1.13 22.67 -43.97
N SER B 428 -0.95 23.02 -42.71
CA SER B 428 -1.15 24.39 -42.27
C SER B 428 -0.18 25.36 -42.92
N ALA B 429 -0.71 26.48 -43.39
CA ALA B 429 0.06 27.53 -44.03
C ALA B 429 -0.30 28.81 -43.28
N SER B 430 0.71 29.54 -42.83
CA SER B 430 0.47 30.78 -42.10
C SER B 430 0.13 31.95 -43.03
N LEU B 431 -0.90 32.71 -42.66
CA LEU B 431 -1.30 33.87 -43.43
C LEU B 431 -0.93 35.13 -42.62
N ARG B 432 0.03 34.99 -41.72
CA ARG B 432 0.45 36.10 -40.88
C ARG B 432 1.03 37.30 -41.60
N MET B 433 1.24 37.21 -42.90
CA MET B 433 1.75 38.39 -43.57
C MET B 433 0.61 39.39 -43.79
N PHE B 434 -0.61 38.94 -43.51
CA PHE B 434 -1.78 39.80 -43.65
C PHE B 434 -2.32 40.15 -42.26
N HIS B 435 -2.87 41.35 -42.12
CA HIS B 435 -3.41 41.79 -40.83
C HIS B 435 -4.40 40.74 -40.29
N LEU B 436 -4.13 40.26 -39.08
CA LEU B 436 -4.97 39.27 -38.38
C LEU B 436 -4.99 37.91 -39.11
N GLY B 437 -4.10 37.74 -40.08
CA GLY B 437 -4.06 36.49 -40.79
C GLY B 437 -3.78 35.30 -39.89
N ARG B 438 -4.50 34.20 -40.12
CA ARG B 438 -4.29 32.98 -39.34
C ARG B 438 -3.65 31.92 -40.24
N THR B 439 -4.48 31.08 -40.85
CA THR B 439 -3.98 30.02 -41.71
C THR B 439 -4.81 29.76 -42.97
N ASP B 440 -4.21 29.06 -43.93
CA ASP B 440 -4.91 28.66 -45.15
C ASP B 440 -4.40 27.23 -45.39
N THR B 441 -4.95 26.57 -46.39
CA THR B 441 -4.58 25.19 -46.64
C THR B 441 -3.65 24.95 -47.80
N ILE B 442 -2.62 24.17 -47.53
CA ILE B 442 -1.68 23.75 -48.56
C ILE B 442 -2.07 22.30 -48.75
N ARG B 443 -2.48 21.94 -49.96
CA ARG B 443 -2.85 20.57 -50.27
C ARG B 443 -1.67 19.82 -50.87
N SER B 444 -1.11 18.90 -50.10
CA SER B 444 0.07 18.11 -50.51
C SER B 444 -0.19 17.08 -51.60
N ALA B 445 -1.41 16.57 -51.67
CA ALA B 445 -1.75 15.59 -52.69
C ALA B 445 -2.04 16.37 -53.95
N SER B 446 -1.17 16.20 -54.95
CA SER B 446 -1.30 16.90 -56.21
C SER B 446 -1.01 15.99 -57.40
N ILE B 447 -1.09 16.55 -58.60
CA ILE B 447 -0.81 15.80 -59.83
C ILE B 447 0.64 15.36 -59.85
N ASP B 448 1.55 16.24 -59.44
CA ASP B 448 2.96 15.90 -59.42
C ASP B 448 3.34 14.92 -58.30
N SER B 449 2.71 15.05 -57.12
CA SER B 449 3.02 14.13 -56.03
C SER B 449 2.54 12.73 -56.38
N LEU B 450 1.36 12.65 -56.97
CA LEU B 450 0.78 11.37 -57.36
C LEU B 450 1.64 10.72 -58.45
N ALA B 451 2.08 11.50 -59.43
CA ALA B 451 2.92 10.96 -60.49
C ALA B 451 4.22 10.41 -59.88
N PHE B 452 4.72 11.07 -58.83
CA PHE B 452 5.95 10.62 -58.18
C PHE B 452 5.76 9.34 -57.38
N VAL B 453 4.71 9.29 -56.56
CA VAL B 453 4.49 8.10 -55.73
C VAL B 453 4.25 6.86 -56.58
N LYS B 454 3.64 7.05 -57.74
CA LYS B 454 3.39 5.93 -58.64
C LYS B 454 4.69 5.54 -59.34
N GLY B 455 5.41 6.54 -59.85
CA GLY B 455 6.65 6.28 -60.55
C GLY B 455 7.70 5.66 -59.65
N MET B 456 7.69 6.08 -58.39
CA MET B 456 8.66 5.58 -57.42
C MET B 456 8.68 4.05 -57.37
N GLY B 457 7.51 3.42 -57.45
CA GLY B 457 7.47 1.97 -57.40
C GLY B 457 7.19 1.33 -58.75
N ASP B 458 7.45 2.06 -59.83
CA ASP B 458 7.19 1.56 -61.18
C ASP B 458 8.49 1.16 -61.88
N SER B 459 8.64 -0.12 -62.18
CA SER B 459 9.85 -0.60 -62.85
C SER B 459 10.08 0.02 -64.22
N THR B 460 9.00 0.40 -64.90
CA THR B 460 9.14 1.00 -66.21
C THR B 460 9.67 2.42 -66.12
N VAL B 461 9.83 2.92 -64.91
CA VAL B 461 10.33 4.28 -64.71
C VAL B 461 11.79 4.25 -64.23
N PRO B 462 12.73 4.65 -65.09
CA PRO B 462 14.15 4.66 -64.71
C PRO B 462 14.35 5.52 -63.48
N GLU B 463 15.32 5.15 -62.64
CA GLU B 463 15.59 5.92 -61.42
C GLU B 463 15.86 7.39 -61.70
N GLN B 464 16.54 7.69 -62.81
CA GLN B 464 16.81 9.08 -63.14
C GLN B 464 15.49 9.84 -63.31
N GLN B 465 14.48 9.16 -63.84
CA GLN B 465 13.18 9.79 -64.05
C GLN B 465 12.43 9.87 -62.72
N LYS B 466 12.69 8.91 -61.84
CA LYS B 466 12.05 8.92 -60.53
C LYS B 466 12.52 10.17 -59.81
N VAL B 467 13.80 10.49 -60.01
CA VAL B 467 14.41 11.67 -59.41
C VAL B 467 13.75 12.92 -59.96
N GLU B 468 13.57 12.97 -61.27
CA GLU B 468 12.95 14.14 -61.89
C GLU B 468 11.53 14.33 -61.34
N LEU B 469 10.81 13.23 -61.14
CA LEU B 469 9.45 13.24 -60.62
C LEU B 469 9.44 13.71 -59.16
N LEU B 470 10.48 13.31 -58.41
CA LEU B 470 10.60 13.70 -57.02
C LEU B 470 10.81 15.21 -56.97
N ARG B 471 11.79 15.72 -57.69
CA ARG B 471 12.03 17.16 -57.68
C ARG B 471 10.83 17.97 -58.14
N LYS B 472 10.10 17.46 -59.12
CA LYS B 472 8.95 18.18 -59.65
C LYS B 472 7.84 18.25 -58.61
N ALA B 473 7.73 17.19 -57.81
CA ALA B 473 6.73 17.12 -56.76
C ALA B 473 7.13 18.11 -55.66
N VAL B 474 8.41 18.14 -55.33
CA VAL B 474 8.90 19.04 -54.30
C VAL B 474 8.67 20.49 -54.74
N GLN B 475 9.03 20.80 -55.98
CA GLN B 475 8.84 22.15 -56.49
C GLN B 475 7.38 22.55 -56.56
N ALA B 476 6.51 21.63 -56.98
CA ALA B 476 5.10 21.95 -57.06
C ALA B 476 4.58 22.29 -55.66
N HIS B 477 5.04 21.54 -54.66
CA HIS B 477 4.61 21.77 -53.30
C HIS B 477 5.17 23.08 -52.75
N ARG B 478 6.38 23.44 -53.20
CA ARG B 478 7.01 24.69 -52.77
C ARG B 478 6.21 25.85 -53.37
N ALA B 479 5.83 25.72 -54.63
CA ALA B 479 5.08 26.77 -55.32
C ALA B 479 3.70 26.96 -54.66
N TYR B 480 3.07 25.85 -54.28
CA TYR B 480 1.76 25.87 -53.64
C TYR B 480 1.93 26.54 -52.27
N THR B 481 3.04 26.27 -51.60
CA THR B 481 3.30 26.86 -50.31
C THR B 481 3.47 28.38 -50.43
N ASP B 482 4.28 28.83 -51.39
CA ASP B 482 4.48 30.26 -51.58
C ASP B 482 3.19 30.97 -51.93
N ARG B 483 2.28 30.28 -52.62
CA ARG B 483 1.01 30.92 -52.96
C ARG B 483 0.12 31.03 -51.73
N ALA B 484 0.03 29.96 -50.96
CA ALA B 484 -0.81 29.95 -49.75
C ALA B 484 -0.40 31.05 -48.80
N ILE B 485 0.90 31.13 -48.54
CA ILE B 485 1.47 32.12 -47.66
C ILE B 485 1.13 33.54 -48.15
N ARG B 486 0.93 33.68 -49.44
CA ARG B 486 0.61 35.00 -50.00
C ARG B 486 -0.88 35.19 -50.30
N GLY B 487 -1.71 34.37 -49.67
CA GLY B 487 -3.15 34.48 -49.86
C GLY B 487 -3.64 34.06 -51.24
N GLU B 488 -2.92 33.17 -51.90
CA GLU B 488 -3.32 32.70 -53.23
C GLU B 488 -3.82 31.26 -53.25
N ALA B 489 -3.96 30.64 -52.09
CA ALA B 489 -4.48 29.28 -52.00
C ALA B 489 -5.98 29.45 -52.26
N PHE B 490 -6.76 28.38 -52.07
CA PHE B 490 -8.19 28.51 -52.36
C PHE B 490 -9.16 27.97 -51.31
N ASP B 491 -8.66 27.17 -50.37
CA ASP B 491 -9.52 26.58 -49.37
C ASP B 491 -10.32 27.56 -48.52
N ARG B 492 -9.67 28.58 -47.97
CA ARG B 492 -10.39 29.55 -47.15
C ARG B 492 -11.33 30.35 -48.05
N HIS B 493 -10.92 30.54 -49.30
CA HIS B 493 -11.72 31.28 -50.27
C HIS B 493 -13.02 30.52 -50.57
N LEU B 494 -12.92 29.21 -50.86
CA LEU B 494 -14.11 28.42 -51.15
C LEU B 494 -14.99 28.37 -49.90
N LEU B 495 -14.36 28.31 -48.73
CA LEU B 495 -15.11 28.30 -47.49
C LEU B 495 -15.89 29.61 -47.39
N GLY B 496 -15.22 30.71 -47.72
CA GLY B 496 -15.86 32.02 -47.66
C GLY B 496 -17.06 32.12 -48.59
N LEU B 497 -16.93 31.56 -49.78
CA LEU B 497 -18.03 31.60 -50.74
C LEU B 497 -19.21 30.82 -50.15
N LYS B 498 -18.92 29.68 -49.53
CA LYS B 498 -19.99 28.88 -48.93
C LYS B 498 -20.67 29.67 -47.82
N LEU B 499 -19.88 30.27 -46.94
CA LEU B 499 -20.43 31.04 -45.82
C LEU B 499 -21.20 32.26 -46.34
N GLN B 500 -20.70 32.87 -47.40
CA GLN B 500 -21.34 34.02 -48.01
C GLN B 500 -22.72 33.62 -48.56
N ALA B 501 -22.82 32.39 -49.06
CA ALA B 501 -24.09 31.91 -49.61
C ALA B 501 -25.11 31.79 -48.46
N ILE B 502 -24.67 31.21 -47.35
CA ILE B 502 -25.54 31.05 -46.20
C ILE B 502 -26.03 32.41 -45.72
N GLU B 503 -25.11 33.36 -45.66
CA GLU B 503 -25.43 34.72 -45.22
C GLU B 503 -26.34 35.47 -46.20
N ASP B 504 -26.19 35.19 -47.50
CA ASP B 504 -27.03 35.84 -48.51
C ASP B 504 -28.42 35.22 -48.55
N LEU B 505 -28.62 34.20 -47.74
CA LEU B 505 -29.92 33.53 -47.66
C LEU B 505 -30.29 32.83 -48.97
N VAL B 506 -29.29 32.33 -49.67
CA VAL B 506 -29.53 31.63 -50.92
C VAL B 506 -29.29 30.14 -50.71
N SER B 507 -29.84 29.33 -51.60
CA SER B 507 -29.67 27.89 -51.50
C SER B 507 -28.19 27.50 -51.59
N MET B 508 -27.81 26.45 -50.87
CA MET B 508 -26.43 25.97 -50.88
C MET B 508 -26.03 25.60 -52.30
N PRO B 509 -25.03 26.30 -52.87
CA PRO B 509 -24.55 26.04 -54.23
C PRO B 509 -24.19 24.57 -54.45
N ASP B 510 -24.50 24.05 -55.64
CA ASP B 510 -24.20 22.64 -55.96
C ASP B 510 -22.72 22.30 -55.79
N ILE B 511 -21.85 23.24 -56.10
CA ILE B 511 -20.42 23.00 -55.99
C ILE B 511 -20.01 22.59 -54.57
N PHE B 512 -20.77 23.03 -53.57
CA PHE B 512 -20.46 22.68 -52.19
C PHE B 512 -21.19 21.43 -51.75
N MET B 513 -22.19 21.02 -52.53
CA MET B 513 -22.95 19.82 -52.22
C MET B 513 -22.32 18.66 -52.99
N ASP B 514 -21.44 19.02 -53.93
CA ASP B 514 -20.74 18.06 -54.77
C ASP B 514 -19.96 17.00 -53.99
N THR B 515 -19.90 15.78 -54.50
CA THR B 515 -19.17 14.70 -53.84
C THR B 515 -17.66 15.02 -53.76
N SER B 516 -17.14 15.67 -54.80
CA SER B 516 -15.73 16.03 -54.83
C SER B 516 -15.35 16.98 -53.71
N TYR B 517 -16.28 17.87 -53.33
CA TYR B 517 -15.98 18.82 -52.26
C TYR B 517 -15.91 18.08 -50.93
N ALA B 518 -16.84 17.16 -50.71
CA ALA B 518 -16.88 16.39 -49.47
C ALA B 518 -15.57 15.62 -49.34
N ILE B 519 -15.10 15.05 -50.44
CA ILE B 519 -13.87 14.27 -50.45
C ILE B 519 -12.69 15.19 -50.18
N ALA B 520 -12.63 16.29 -50.90
CA ALA B 520 -11.56 17.26 -50.74
C ALA B 520 -11.44 17.82 -49.32
N MET B 521 -12.57 17.95 -48.63
CA MET B 521 -12.58 18.52 -47.28
C MET B 521 -12.46 17.50 -46.14
N HIS B 522 -12.39 16.23 -46.50
CA HIS B 522 -12.26 15.15 -45.55
C HIS B 522 -10.78 14.79 -45.53
N PHE B 523 -10.02 15.40 -44.62
CA PHE B 523 -8.59 15.16 -44.59
C PHE B 523 -8.06 13.93 -43.85
N ASN B 524 -7.88 12.83 -44.58
CA ASN B 524 -7.34 11.61 -44.00
C ASN B 524 -5.95 11.92 -43.42
N LEU B 525 -5.29 12.88 -44.01
CA LEU B 525 -3.98 13.32 -43.52
C LEU B 525 -4.10 14.80 -43.14
N SER B 526 -3.93 15.09 -41.87
CA SER B 526 -4.00 16.45 -41.36
C SER B 526 -2.61 16.71 -40.76
N THR B 527 -1.88 17.64 -41.36
CA THR B 527 -0.51 17.91 -40.92
C THR B 527 -0.15 19.37 -40.69
N ALA B 528 1.02 19.58 -40.11
CA ALA B 528 1.49 20.93 -39.84
C ALA B 528 2.94 20.86 -39.40
N GLN B 529 3.73 21.83 -39.82
CA GLN B 529 5.13 21.88 -39.42
C GLN B 529 5.24 22.90 -38.30
N VAL B 530 5.79 22.52 -37.16
CA VAL B 530 5.96 23.45 -36.04
C VAL B 530 7.46 23.61 -35.80
N PRO B 531 8.12 24.46 -36.61
CA PRO B 531 9.55 24.70 -36.48
C PRO B 531 9.90 25.47 -35.22
N ALA B 532 10.77 24.90 -34.39
CA ALA B 532 11.18 25.54 -33.15
C ALA B 532 12.66 25.32 -32.90
N LYS B 533 13.29 26.25 -32.19
CA LYS B 533 14.70 26.11 -31.87
C LYS B 533 14.81 25.04 -30.79
N THR B 534 13.83 25.01 -29.89
CA THR B 534 13.80 24.02 -28.82
C THR B 534 13.56 22.65 -29.44
N ASP B 535 14.29 21.64 -29.01
CA ASP B 535 14.13 20.29 -29.55
C ASP B 535 12.82 19.70 -29.05
N CYS B 536 11.71 20.23 -29.55
CA CYS B 536 10.39 19.79 -29.13
C CYS B 536 9.56 19.39 -30.34
N VAL B 537 8.35 18.92 -30.06
CA VAL B 537 7.45 18.55 -31.13
C VAL B 537 6.00 18.66 -30.67
N GLY B 538 5.13 19.08 -31.58
CA GLY B 538 3.72 19.19 -31.23
C GLY B 538 2.95 17.94 -31.68
N PHE B 539 1.69 17.85 -31.31
CA PHE B 539 0.84 16.73 -31.70
C PHE B 539 -0.63 17.05 -31.49
N PHE B 540 -1.48 16.45 -32.32
CA PHE B 540 -2.92 16.66 -32.25
C PHE B 540 -3.62 15.43 -32.81
N GLY B 541 -4.89 15.26 -32.44
CA GLY B 541 -5.62 14.11 -32.95
C GLY B 541 -6.04 14.28 -34.40
N PRO B 542 -6.38 13.19 -35.10
CA PRO B 542 -6.80 13.28 -36.50
C PRO B 542 -8.06 14.15 -36.58
N VAL B 543 -8.37 14.68 -37.77
CA VAL B 543 -9.56 15.52 -37.94
C VAL B 543 -10.76 14.72 -38.44
N VAL B 544 -10.50 13.45 -38.78
CA VAL B 544 -11.52 12.52 -39.25
C VAL B 544 -11.31 11.16 -38.58
N PRO B 545 -12.38 10.40 -38.40
CA PRO B 545 -12.32 9.07 -37.76
C PRO B 545 -11.31 8.12 -38.40
N ASP B 546 -11.19 8.22 -39.72
CA ASP B 546 -10.27 7.35 -40.45
C ASP B 546 -9.06 8.09 -40.95
N GLY B 547 -8.57 9.06 -40.16
CA GLY B 547 -7.42 9.82 -40.57
C GLY B 547 -6.26 9.79 -39.59
N TYR B 548 -5.23 10.55 -39.92
CA TYR B 548 -4.05 10.66 -39.08
C TYR B 548 -3.76 12.12 -38.78
N GLY B 549 -3.21 12.37 -37.59
CA GLY B 549 -2.81 13.72 -37.22
C GLY B 549 -1.30 13.70 -37.20
N ILE B 550 -0.65 14.42 -38.10
CA ILE B 550 0.81 14.41 -38.12
C ILE B 550 1.45 15.76 -37.95
N CYS B 551 2.32 15.86 -36.95
CA CYS B 551 3.00 17.12 -36.66
C CYS B 551 4.50 16.88 -36.60
N TYR B 552 5.29 17.84 -37.07
CA TYR B 552 6.73 17.64 -37.04
C TYR B 552 7.52 18.93 -36.88
N ASN B 553 8.72 18.77 -36.31
CA ASN B 553 9.63 19.88 -36.11
C ASN B 553 10.94 19.51 -36.75
N PRO B 554 11.16 19.97 -37.98
CA PRO B 554 12.40 19.65 -38.69
C PRO B 554 13.60 20.42 -38.13
N MET B 555 14.49 19.69 -37.46
CA MET B 555 15.70 20.30 -36.92
C MET B 555 16.77 20.18 -37.99
N GLU B 556 18.00 20.57 -37.66
CA GLU B 556 19.08 20.51 -38.63
C GLU B 556 19.53 19.10 -39.03
N ALA B 557 19.81 18.27 -38.03
CA ALA B 557 20.29 16.91 -38.26
C ALA B 557 19.27 15.82 -37.95
N HIS B 558 18.07 16.21 -37.50
CA HIS B 558 17.01 15.25 -37.22
C HIS B 558 15.63 15.90 -37.32
N ILE B 559 14.60 15.09 -37.25
CA ILE B 559 13.24 15.58 -37.35
C ILE B 559 12.37 14.92 -36.29
N ASN B 560 11.65 15.75 -35.51
CA ASN B 560 10.74 15.23 -34.50
C ASN B 560 9.38 15.02 -35.15
N PHE B 561 8.82 13.83 -34.98
CA PHE B 561 7.52 13.51 -35.58
C PHE B 561 6.52 13.03 -34.53
N SER B 562 5.24 13.30 -34.78
CA SER B 562 4.17 12.81 -33.90
C SER B 562 3.08 12.32 -34.85
N VAL B 563 2.61 11.09 -34.65
CA VAL B 563 1.56 10.55 -35.50
C VAL B 563 0.42 10.03 -34.66
N SER B 564 -0.81 10.52 -34.92
CA SER B 564 -1.96 10.05 -34.16
C SER B 564 -3.00 9.41 -35.05
N ALA B 565 -3.82 8.55 -34.45
CA ALA B 565 -4.87 7.88 -35.18
C ALA B 565 -5.90 7.39 -34.20
N TYR B 566 -7.06 6.97 -34.70
CA TYR B 566 -8.10 6.45 -33.82
C TYR B 566 -8.19 4.92 -33.94
N ASN B 567 -8.24 4.24 -32.79
CA ASN B 567 -8.35 2.78 -32.80
C ASN B 567 -9.71 2.29 -33.29
N SER B 568 -10.71 3.15 -33.23
CA SER B 568 -12.06 2.80 -33.69
C SER B 568 -12.06 2.56 -35.20
N CYS B 569 -10.97 2.93 -35.85
CA CYS B 569 -10.84 2.73 -37.28
C CYS B 569 -9.75 1.73 -37.56
N ALA B 570 -10.14 0.51 -37.92
CA ALA B 570 -9.18 -0.55 -38.21
C ALA B 570 -8.30 -0.20 -39.41
N GLU B 571 -8.69 0.80 -40.17
CA GLU B 571 -7.94 1.18 -41.36
C GLU B 571 -6.72 2.06 -41.09
N THR B 572 -6.53 2.48 -39.85
CA THR B 572 -5.38 3.34 -39.52
C THR B 572 -4.56 2.75 -38.38
N ASN B 573 -3.27 3.07 -38.39
CA ASN B 573 -2.38 2.61 -37.34
C ASN B 573 -1.21 3.56 -37.29
N ALA B 574 -1.11 4.30 -36.19
CA ALA B 574 -0.04 5.27 -36.00
C ALA B 574 1.36 4.71 -36.19
N ALA B 575 1.64 3.56 -35.57
CA ALA B 575 2.97 2.94 -35.67
C ALA B 575 3.31 2.61 -37.13
N ARG B 576 2.37 2.02 -37.84
CA ARG B 576 2.61 1.65 -39.24
C ARG B 576 2.84 2.90 -40.08
N MET B 577 1.98 3.89 -39.93
CA MET B 577 2.13 5.12 -40.69
C MET B 577 3.50 5.75 -40.43
N ALA B 578 3.91 5.76 -39.17
CA ALA B 578 5.19 6.35 -38.79
C ALA B 578 6.34 5.59 -39.44
N HIS B 579 6.23 4.26 -39.45
CA HIS B 579 7.26 3.41 -40.03
C HIS B 579 7.41 3.65 -41.52
N TYR B 580 6.29 3.73 -42.24
CA TYR B 580 6.35 3.94 -43.67
C TYR B 580 6.88 5.33 -43.98
N LEU B 581 6.61 6.26 -43.08
CA LEU B 581 7.07 7.63 -43.29
C LEU B 581 8.60 7.65 -43.19
N GLU B 582 9.14 7.05 -42.14
CA GLU B 582 10.59 6.98 -41.94
C GLU B 582 11.26 6.32 -43.14
N LYS B 583 10.71 5.20 -43.59
CA LYS B 583 11.28 4.48 -44.73
C LYS B 583 11.14 5.30 -46.00
N ALA B 584 10.04 6.03 -46.14
CA ALA B 584 9.83 6.85 -47.33
C ALA B 584 10.90 7.93 -47.40
N LEU B 585 11.16 8.57 -46.25
CA LEU B 585 12.16 9.62 -46.17
C LEU B 585 13.55 9.08 -46.53
N LEU B 586 13.85 7.89 -46.03
CA LEU B 586 15.13 7.28 -46.31
C LEU B 586 15.26 6.86 -47.78
N ASP B 587 14.18 6.34 -48.37
CA ASP B 587 14.21 5.92 -49.78
C ASP B 587 14.41 7.12 -50.69
N MET B 588 13.81 8.27 -50.33
CA MET B 588 13.97 9.46 -51.14
C MET B 588 15.42 9.93 -51.08
N ARG B 589 16.05 9.79 -49.92
CA ARG B 589 17.45 10.19 -49.78
C ARG B 589 18.33 9.25 -50.60
N THR B 590 18.11 7.94 -50.45
CA THR B 590 18.89 6.95 -51.18
C THR B 590 18.78 7.21 -52.67
N LEU B 591 17.56 7.42 -53.16
CA LEU B 591 17.35 7.68 -54.56
C LEU B 591 18.15 8.88 -55.03
N LEU B 592 18.04 9.99 -54.29
CA LEU B 592 18.76 11.21 -54.67
C LEU B 592 20.28 11.03 -54.59
N GLN B 593 20.76 10.33 -53.56
CA GLN B 593 22.20 10.14 -53.41
C GLN B 593 22.74 9.18 -54.47
N ASN B 594 21.89 8.31 -55.02
CA ASN B 594 22.32 7.36 -56.04
C ASN B 594 22.31 8.00 -57.42
N HIS B 595 21.93 9.28 -57.48
CA HIS B 595 21.89 9.95 -58.77
C HIS B 595 22.29 11.39 -58.69
N PRO B 596 23.54 11.67 -58.28
CA PRO B 596 24.02 13.05 -58.18
C PRO B 596 23.91 13.78 -59.52
N ARG B 597 24.13 15.09 -59.50
CA ARG B 597 24.05 15.90 -60.71
C ARG B 597 25.35 15.87 -61.51
N ALA B 598 25.59 16.93 -62.27
CA ALA B 598 26.79 17.05 -63.09
C ALA B 598 28.06 16.72 -62.31
N LYS B 599 29.14 16.46 -63.05
CA LYS B 599 30.44 16.14 -62.47
C LYS B 599 30.36 14.85 -61.65
N1A COA C . -1.31 -45.48 47.78
C2A COA C . -1.87 -45.86 46.62
N3A COA C . -2.20 -44.93 45.70
C4A COA C . -1.97 -43.63 45.92
C5A COA C . -1.42 -43.20 47.11
C6A COA C . -1.08 -44.17 48.06
N6A COA C . -0.51 -43.82 49.21
N7A COA C . -1.33 -41.88 47.07
C8A COA C . -1.79 -41.47 45.89
N9A COA C . -2.20 -42.53 45.19
C1B COA C . -2.76 -42.52 43.80
C2B COA C . -3.96 -41.59 43.69
O2B COA C . -5.14 -42.28 44.11
C3B COA C . -4.03 -41.36 42.20
O3B COA C . -4.65 -42.46 41.56
P3B COA C . -5.16 -42.37 40.03
O7A COA C . -6.19 -43.59 39.94
O8A COA C . -5.87 -41.09 39.84
O9A COA C . -4.00 -42.69 39.15
C4B COA C . -2.56 -41.28 41.77
O4B COA C . -1.82 -42.04 42.81
C5B COA C . -2.04 -39.82 41.81
O5B COA C . -2.03 -39.29 43.14
P1A COA C . -0.79 -38.38 43.64
O1A COA C . 0.46 -38.88 43.01
O2A COA C . -0.84 -38.25 45.12
O3A COA C . -1.09 -36.93 42.98
P2A COA C . -2.47 -36.14 43.28
O4A COA C . -2.77 -36.17 44.73
O5A COA C . -3.50 -36.59 42.33
O6A COA C . -2.08 -34.62 42.88
CBP COA C . -1.06 -32.41 43.15
CCP COA C . -1.17 -33.86 43.68
CDP COA C . -0.46 -32.45 41.74
CEP COA C . -0.13 -31.61 44.07
CAP COA C . -2.48 -31.79 43.13
OAP COA C . -3.04 -31.80 44.45
C9P COA C . -2.48 -30.34 42.58
O9P COA C . -2.45 -29.38 43.34
N8P COA C . -2.49 -30.27 41.25
C7P COA C . -2.50 -28.98 40.53
C6P COA C . -1.09 -28.67 40.00
C5P COA C . -1.15 -27.49 39.03
O5P COA C . -1.82 -26.48 39.30
N4P COA C . -0.44 -27.64 37.91
C3P COA C . -0.41 -26.62 36.86
C2P COA C . 0.34 -25.36 37.30
S1P COA C . 0.22 -24.02 36.07
CAC HC5 D . 1.11 -26.61 30.79
CAD HC5 D . 1.28 -25.90 32.13
CAE HC5 D . 2.33 -26.60 32.99
CAF HC5 D . 2.45 -25.97 34.38
CAG HC5 D . 3.00 -24.55 34.34
CAH HC5 D . 3.18 -24.00 35.76
OAI HC5 D . 3.43 -24.77 36.69
OAK HC5 D . 3.09 -22.67 35.98
CAP HC5 D . 3.25 -22.35 37.38
CAQ HC5 D . 1.96 -21.72 37.89
CAR HC5 D . 1.97 -21.49 39.40
OAL HC5 D . 1.49 -20.49 39.89
OAS HC5 D . 2.46 -22.35 40.15
CAO HC5 D . 4.44 -21.39 37.58
NAN HC5 D . 5.75 -22.01 37.33
CAT HC5 D . 6.78 -21.00 37.65
CAJ HC5 D . 5.91 -22.38 35.92
CAM HC5 D . 5.97 -23.18 38.18
N1A COA E . 17.58 24.71 -51.21
C2A COA E . 18.26 24.88 -50.06
N3A COA E . 17.60 25.23 -48.94
C4A COA E . 16.27 25.43 -48.95
C5A COA E . 15.55 25.28 -50.12
C6A COA E . 16.25 24.92 -51.27
N6A COA E . 15.61 24.77 -52.43
N7A COA E . 14.28 25.53 -49.86
C8A COA E . 14.17 25.82 -48.56
N9A COA E . 15.40 25.78 -48.00
C1B COA E . 15.74 26.02 -46.57
C2B COA E . 15.16 27.34 -46.06
O2B COA E . 16.05 28.40 -46.40
C3B COA E . 15.16 27.12 -44.56
O3B COA E . 16.48 27.35 -44.05
P3B COA E . 16.72 27.54 -42.46
O7A COA E . 18.13 28.31 -42.41
O8A COA E . 15.65 28.41 -41.92
O9A COA E . 16.91 26.20 -41.87
C4B COA E . 14.78 25.64 -44.40
O4B COA E . 15.19 25.00 -45.66
C5B COA E . 13.25 25.47 -44.27
O5B COA E . 12.56 25.82 -45.48
P1A COA E . 11.23 25.01 -45.93
O1A COA E . 11.42 23.57 -45.60
O2A COA E . 10.89 25.38 -47.32
O3A COA E . 10.10 25.56 -44.93
P2A COA E . 9.74 27.13 -44.87
O4A COA E . 9.67 27.70 -46.24
O5A COA E . 10.63 27.78 -43.88
O6A COA E . 8.24 27.12 -44.26
CBP COA E . 5.83 26.67 -44.19
CCP COA E . 7.12 26.61 -45.02
CDP COA E . 6.00 25.78 -42.95
CEP COA E . 4.65 26.15 -45.02
CAP COA E . 5.58 28.14 -43.76
OAP COA E . 5.45 28.96 -44.92
C9P COA E . 4.32 28.30 -42.87
O9P COA E . 3.22 28.56 -43.36
N8P COA E . 4.54 28.10 -41.57
C7P COA E . 3.48 28.20 -40.55
C6P COA E . 2.82 26.84 -40.31
C5P COA E . 1.89 26.92 -39.10
O5P COA E . 1.07 27.84 -38.98
N4P COA E . 2.03 25.91 -38.22
C3P COA E . 1.22 25.84 -36.99
C2P COA E . -0.26 25.67 -37.29
S1P COA E . -1.32 25.80 -35.80
CAC HC5 F . 1.90 22.85 -31.39
CAD HC5 F . 1.09 23.22 -32.63
CAE HC5 F . 0.90 22.00 -33.55
CAF HC5 F . 0.13 22.34 -34.83
CAG HC5 F . -1.33 22.72 -34.56
CAH HC5 F . -2.07 22.98 -35.87
OAI HC5 F . -1.46 22.91 -36.94
OAK HC5 F . -3.40 23.26 -35.86
CAP HC5 F . -3.92 23.49 -37.18
CAQ HC5 F . -4.32 24.97 -37.31
CAR HC5 F . -4.75 25.36 -38.73
OAL HC5 F . -5.67 26.13 -38.91
OAS HC5 F . -4.14 24.91 -39.71
CAO HC5 F . -5.14 22.58 -37.43
NAN HC5 F . -4.79 21.14 -37.58
CAT HC5 F . -6.01 20.40 -37.88
CAJ HC5 F . -4.21 20.60 -36.33
CAM HC5 F . -3.85 20.95 -38.69
#